data_4P86
#
_entry.id   4P86
#
_cell.length_a   97.940
_cell.length_b   77.530
_cell.length_c   99.780
_cell.angle_alpha   90.00
_cell.angle_beta   102.05
_cell.angle_gamma   90.00
#
_symmetry.space_group_name_H-M   'C 1 2 1'
#
loop_
_entity.id
_entity.type
_entity.pdbx_description
1 polymer 'Bifunctional protein PyrR'
2 non-polymer "GUANOSINE-5'-MONOPHOSPHATE"
3 non-polymer GLYCEROL
4 water water
#
_entity_poly.entity_id   1
_entity_poly.type   'polypeptide(L)'
_entity_poly.pdbx_seq_one_letter_code
;GSNQKAVILDEQAIRRALTRIAHEMIERNKGMNNCILVGIKTRGIYLAKRLAERIEQIEGNPVTVGEIDITLYRDDLSKK
TSNDEPLVKGADIPVDITDQKVILVDDVLYTGRTVRAGMDALVDVGRPSSIQLAVLVDRGHRELPIRADYIGKNIPTSKS
EKVMVQLDEVDQNDLVAIYENEK
;
_entity_poly.pdbx_strand_id   A,B,C,D
#
loop_
_chem_comp.id
_chem_comp.type
_chem_comp.name
_chem_comp.formula
5GP non-polymer GUANOSINE-5'-MONOPHOSPHATE 'C10 H14 N5 O8 P'
GOL non-polymer GLYCEROL 'C3 H8 O3'
#
# COMPACT_ATOMS: atom_id res chain seq x y z
N GLN A 4 28.90 13.75 -4.58
CA GLN A 4 28.38 12.54 -5.29
C GLN A 4 26.98 12.06 -4.81
N LYS A 5 26.57 12.45 -3.61
CA LYS A 5 25.20 12.16 -3.06
C LYS A 5 24.08 13.07 -3.57
N ALA A 6 22.87 12.50 -3.66
CA ALA A 6 21.62 13.21 -3.98
C ALA A 6 20.87 13.54 -2.65
N VAL A 7 20.65 14.81 -2.41
CA VAL A 7 19.90 15.23 -1.24
C VAL A 7 18.45 14.89 -1.47
N ILE A 8 17.84 14.13 -0.54
CA ILE A 8 16.46 13.72 -0.68
C ILE A 8 15.63 14.62 0.21
N LEU A 9 16.04 14.87 1.48
CA LEU A 9 15.32 15.73 2.34
C LEU A 9 16.24 16.75 2.91
N ASP A 10 15.85 18.03 2.83
CA ASP A 10 16.63 19.12 3.46
C ASP A 10 15.98 19.39 4.72
N GLU A 11 16.51 20.36 5.44
CA GLU A 11 16.02 20.67 6.79
C GLU A 11 14.54 20.94 6.84
N GLN A 12 14.03 21.68 5.87
CA GLN A 12 12.57 21.96 5.82
C GLN A 12 11.73 20.72 5.56
N ALA A 13 12.19 19.85 4.65
CA ALA A 13 11.42 18.67 4.33
C ALA A 13 11.46 17.67 5.54
N ILE A 14 12.55 17.67 6.30
CA ILE A 14 12.61 16.86 7.54
C ILE A 14 11.64 17.35 8.57
N ARG A 15 11.60 18.66 8.75
CA ARG A 15 10.62 19.25 9.65
C ARG A 15 9.15 18.95 9.25
N ARG A 16 8.83 19.09 7.98
CA ARG A 16 7.52 18.79 7.48
C ARG A 16 7.12 17.30 7.68
N ALA A 17 8.04 16.39 7.41
CA ALA A 17 7.78 14.98 7.56
C ALA A 17 7.49 14.68 9.02
N LEU A 18 8.30 15.22 9.93
CA LEU A 18 8.12 14.91 11.34
C LEU A 18 6.87 15.51 11.91
N THR A 19 6.53 16.72 11.46
CA THR A 19 5.31 17.35 11.85
C THR A 19 4.11 16.49 11.38
N ARG A 20 4.18 16.01 10.16
CA ARG A 20 3.12 15.18 9.64
C ARG A 20 2.98 13.89 10.45
N ILE A 21 4.11 13.27 10.73
CA ILE A 21 4.15 12.07 11.57
C ILE A 21 3.52 12.28 12.95
N ALA A 22 3.82 13.39 13.59
CA ALA A 22 3.18 13.71 14.85
C ALA A 22 1.64 13.70 14.76
N HIS A 23 1.09 14.35 13.72
CA HIS A 23 -0.33 14.38 13.51
C HIS A 23 -0.91 13.01 13.16
N GLU A 24 -0.15 12.18 12.45
CA GLU A 24 -0.56 10.81 12.19
C GLU A 24 -0.63 10.00 13.49
N MET A 25 0.34 10.21 14.36
CA MET A 25 0.31 9.53 15.64
C MET A 25 -0.91 9.89 16.44
N ILE A 26 -1.19 11.18 16.56
CA ILE A 26 -2.33 11.66 17.32
C ILE A 26 -3.64 11.11 16.74
N GLU A 27 -3.72 11.09 15.42
CA GLU A 27 -4.88 10.56 14.73
C GLU A 27 -5.11 9.08 15.01
N ARG A 28 -4.11 8.27 14.78
CA ARG A 28 -4.24 6.84 14.95
C ARG A 28 -4.39 6.35 16.40
N ASN A 29 -3.80 7.08 17.30
CA ASN A 29 -3.92 6.78 18.74
C ASN A 29 -5.10 7.52 19.40
N LYS A 30 -5.81 8.32 18.63
CA LYS A 30 -6.89 9.14 19.11
C LYS A 30 -6.45 9.91 20.34
N GLY A 31 -5.40 10.73 20.16
CA GLY A 31 -4.75 11.45 21.22
C GLY A 31 -3.56 10.62 21.65
N MET A 32 -2.58 11.23 22.28
CA MET A 32 -1.39 10.49 22.69
C MET A 32 -1.38 10.19 24.22
N ASN A 33 -2.53 10.22 24.86
CA ASN A 33 -2.67 9.71 26.25
C ASN A 33 -2.25 8.24 26.35
N ASN A 34 -1.50 7.87 27.38
CA ASN A 34 -1.05 6.49 27.53
C ASN A 34 -0.14 5.97 26.38
N CYS A 35 0.59 6.87 25.72
CA CYS A 35 1.56 6.53 24.70
C CYS A 35 2.90 6.98 25.07
N ILE A 36 3.88 6.11 24.88
CA ILE A 36 5.26 6.43 25.14
C ILE A 36 6.10 6.27 23.87
N LEU A 37 7.00 7.22 23.61
CA LEU A 37 7.91 7.09 22.50
C LEU A 37 9.20 6.50 23.00
N VAL A 38 9.76 5.52 22.29
CA VAL A 38 11.03 4.97 22.65
C VAL A 38 11.97 5.01 21.48
N GLY A 39 13.03 5.79 21.58
CA GLY A 39 13.99 5.88 20.51
C GLY A 39 15.06 4.84 20.53
N ILE A 40 15.48 4.42 19.35
CA ILE A 40 16.52 3.44 19.16
C ILE A 40 17.80 4.08 18.76
N LYS A 41 18.84 3.87 19.57
CA LYS A 41 20.20 4.32 19.29
C LYS A 41 20.21 5.76 19.22
N THR A 42 21.31 6.35 18.77
CA THR A 42 21.42 7.78 18.99
C THR A 42 20.42 8.59 18.20
N ARG A 43 20.37 8.39 16.89
CA ARG A 43 19.53 9.25 16.06
C ARG A 43 18.04 9.01 16.29
N GLY A 44 17.66 7.77 16.58
CA GLY A 44 16.29 7.45 16.95
C GLY A 44 15.81 8.18 18.16
N ILE A 45 16.69 8.33 19.14
CA ILE A 45 16.31 9.01 20.34
C ILE A 45 16.05 10.46 20.09
N TYR A 46 16.93 11.11 19.33
CA TYR A 46 16.75 12.55 19.04
C TYR A 46 15.48 12.78 18.21
N LEU A 47 15.21 11.86 17.29
CA LEU A 47 13.90 11.91 16.55
C LEU A 47 12.73 11.80 17.52
N ALA A 48 12.82 10.88 18.47
CA ALA A 48 11.75 10.67 19.42
C ALA A 48 11.54 11.95 20.23
N LYS A 49 12.63 12.55 20.69
CA LYS A 49 12.48 13.81 21.38
C LYS A 49 11.83 14.88 20.52
N ARG A 50 12.21 14.99 19.27
CA ARG A 50 11.55 16.01 18.43
C ARG A 50 10.06 15.72 18.37
N LEU A 51 9.69 14.45 18.16
CA LEU A 51 8.29 14.10 17.99
C LEU A 51 7.51 14.40 19.29
N ALA A 52 8.12 14.12 20.42
CA ALA A 52 7.50 14.39 21.71
C ALA A 52 7.23 15.87 21.89
N GLU A 53 8.21 16.69 21.54
CA GLU A 53 8.06 18.16 21.68
C GLU A 53 6.93 18.66 20.79
N ARG A 54 6.83 18.13 19.59
CA ARG A 54 5.75 18.48 18.71
C ARG A 54 4.41 18.04 19.25
N ILE A 55 4.31 16.80 19.73
CA ILE A 55 3.06 16.35 20.26
C ILE A 55 2.61 17.19 21.50
N GLU A 56 3.54 17.58 22.36
CA GLU A 56 3.25 18.42 23.54
C GLU A 56 2.67 19.75 23.14
N GLN A 57 3.22 20.31 22.08
CA GLN A 57 2.72 21.52 21.47
C GLN A 57 1.31 21.38 20.92
N ILE A 58 1.02 20.28 20.24
CA ILE A 58 -0.27 20.09 19.64
C ILE A 58 -1.33 19.81 20.70
N GLU A 59 -1.05 18.95 21.66
CA GLU A 59 -2.06 18.45 22.58
C GLU A 59 -1.98 19.08 23.98
N GLY A 60 -0.88 19.70 24.30
CA GLY A 60 -0.68 20.34 25.61
C GLY A 60 -0.22 19.45 26.75
N ASN A 61 -0.03 18.16 26.50
CA ASN A 61 0.48 17.26 27.53
C ASN A 61 1.82 16.71 27.13
N PRO A 62 2.74 16.54 28.11
CA PRO A 62 4.02 15.93 27.81
C PRO A 62 3.91 14.45 27.42
N VAL A 63 4.83 14.01 26.58
CA VAL A 63 4.86 12.63 26.15
C VAL A 63 6.15 12.09 26.72
N THR A 64 6.08 10.93 27.36
CA THR A 64 7.32 10.34 27.89
C THR A 64 8.19 9.76 26.77
N VAL A 65 9.49 9.94 26.86
CA VAL A 65 10.43 9.38 25.93
C VAL A 65 11.39 8.42 26.64
N GLY A 66 11.49 7.20 26.15
CA GLY A 66 12.56 6.28 26.60
C GLY A 66 13.56 6.03 25.51
N GLU A 67 14.54 5.22 25.85
CA GLU A 67 15.62 4.93 24.97
C GLU A 67 15.91 3.44 24.99
N ILE A 68 16.29 2.92 23.83
CA ILE A 68 16.88 1.60 23.70
C ILE A 68 18.16 1.68 22.98
N ASP A 69 19.16 0.99 23.50
CA ASP A 69 20.41 0.87 22.80
C ASP A 69 20.64 -0.49 22.20
N ILE A 70 21.11 -0.52 20.95
CA ILE A 70 21.17 -1.78 20.21
C ILE A 70 22.45 -1.82 19.45
N THR A 71 23.17 -2.94 19.56
CA THR A 71 24.47 -3.05 18.96
C THR A 71 24.56 -4.31 18.11
N LEU A 72 25.34 -4.24 17.04
CA LEU A 72 25.55 -5.37 16.18
C LEU A 72 26.59 -6.32 16.71
N TYR A 73 26.22 -7.59 16.80
CA TYR A 73 27.14 -8.65 17.04
C TYR A 73 27.42 -9.48 15.76
N ARG A 74 28.62 -10.01 15.62
CA ARG A 74 29.01 -10.99 14.54
C ARG A 74 29.79 -12.09 15.26
N ASP A 75 29.95 -13.33 14.83
CA ASP A 75 30.22 -13.83 13.52
C ASP A 75 29.79 -15.28 13.64
N ASP A 76 29.20 -15.83 12.61
CA ASP A 76 28.84 -17.24 12.67
C ASP A 76 30.15 -18.05 12.65
N LEU A 77 31.19 -17.49 12.03
CA LEU A 77 32.55 -17.99 12.12
C LEU A 77 32.79 -19.08 11.07
N SER A 78 31.74 -19.55 10.41
CA SER A 78 31.89 -20.41 9.24
C SER A 78 32.87 -19.73 8.27
N THR A 81 31.62 -15.98 7.95
CA THR A 81 30.69 -14.86 7.88
C THR A 81 29.26 -15.34 7.63
N SER A 82 28.35 -14.93 8.51
CA SER A 82 26.90 -15.07 8.30
C SER A 82 26.18 -13.91 8.98
N ASN A 83 24.88 -13.74 8.70
CA ASN A 83 24.27 -12.41 8.95
C ASN A 83 24.38 -11.95 10.42
N ASP A 84 24.72 -10.67 10.57
CA ASP A 84 25.01 -10.08 11.88
C ASP A 84 23.73 -10.02 12.66
N GLU A 85 23.84 -9.94 13.97
CA GLU A 85 22.65 -9.91 14.83
C GLU A 85 22.68 -8.71 15.77
N PRO A 86 21.67 -7.85 15.65
CA PRO A 86 21.54 -6.78 16.61
C PRO A 86 21.00 -7.29 17.91
N LEU A 87 21.61 -6.87 19.01
CA LEU A 87 21.20 -7.25 20.33
C LEU A 87 21.04 -6.00 21.14
N VAL A 88 20.08 -6.03 22.04
CA VAL A 88 19.85 -4.96 22.97
C VAL A 88 20.94 -4.87 24.04
N LYS A 89 21.47 -3.69 24.22
CA LYS A 89 22.57 -3.44 25.14
C LYS A 89 22.06 -2.73 26.38
N GLY A 90 20.91 -2.09 26.28
CA GLY A 90 20.39 -1.32 27.40
C GLY A 90 19.12 -0.63 26.99
N ALA A 91 18.31 -0.34 27.99
CA ALA A 91 17.06 0.32 27.80
C ALA A 91 16.85 1.21 28.99
N ASP A 92 16.28 2.38 28.76
CA ASP A 92 15.98 3.31 29.83
C ASP A 92 14.65 3.86 29.54
N ILE A 93 13.67 3.29 30.21
CA ILE A 93 12.31 3.67 30.02
C ILE A 93 11.76 4.13 31.35
N PRO A 94 11.49 5.43 31.48
CA PRO A 94 11.26 5.93 32.84
C PRO A 94 9.91 5.69 33.42
N VAL A 95 9.01 5.00 32.71
CA VAL A 95 7.69 4.69 33.27
C VAL A 95 7.31 3.27 32.93
N ASP A 96 6.29 2.79 33.63
CA ASP A 96 5.78 1.45 33.40
C ASP A 96 5.08 1.42 32.00
N ILE A 97 5.39 0.44 31.16
CA ILE A 97 4.75 0.36 29.82
C ILE A 97 3.57 -0.59 29.74
N THR A 98 3.31 -1.30 30.83
CA THR A 98 2.26 -2.26 30.84
C THR A 98 0.92 -1.66 30.52
N ASP A 99 0.23 -2.24 29.55
CA ASP A 99 -1.03 -1.69 29.05
C ASP A 99 -0.94 -0.30 28.41
N GLN A 100 0.26 0.13 28.05
CA GLN A 100 0.47 1.40 27.40
C GLN A 100 0.81 1.11 25.92
N LYS A 101 0.63 2.12 25.09
CA LYS A 101 1.07 2.07 23.70
C LYS A 101 2.48 2.57 23.58
N VAL A 102 3.37 1.78 23.00
CA VAL A 102 4.73 2.19 22.90
C VAL A 102 5.01 2.41 21.42
N ILE A 103 5.63 3.55 21.09
CA ILE A 103 6.03 3.75 19.69
C ILE A 103 7.52 3.77 19.57
N LEU A 104 8.07 2.75 18.95
CA LEU A 104 9.48 2.73 18.67
C LEU A 104 9.84 3.75 17.55
N VAL A 105 10.99 4.42 17.68
CA VAL A 105 11.41 5.45 16.72
C VAL A 105 12.80 5.22 16.30
N ASP A 106 13.02 5.15 14.99
CA ASP A 106 14.38 4.97 14.47
C ASP A 106 14.60 5.88 13.22
N ASP A 107 15.83 6.07 12.84
CA ASP A 107 16.13 6.85 11.66
C ASP A 107 15.89 6.09 10.37
N VAL A 108 16.37 4.88 10.26
CA VAL A 108 16.26 4.08 9.03
C VAL A 108 15.81 2.64 9.28
N LEU A 109 14.81 2.17 8.51
CA LEU A 109 14.38 0.76 8.50
C LEU A 109 14.92 0.09 7.27
N TYR A 110 15.57 -1.02 7.47
CA TYR A 110 16.20 -1.73 6.38
C TYR A 110 15.73 -3.21 6.46
N THR A 111 16.52 -4.13 6.99
CA THR A 111 16.11 -5.56 7.14
C THR A 111 15.00 -5.78 8.10
N GLY A 112 14.87 -4.86 9.07
CA GLY A 112 13.92 -5.07 10.15
C GLY A 112 14.50 -5.76 11.40
N ARG A 113 15.71 -6.25 11.32
CA ARG A 113 16.27 -7.01 12.44
C ARG A 113 16.50 -6.18 13.68
N THR A 114 16.85 -4.90 13.55
CA THR A 114 17.00 -4.07 14.71
C THR A 114 15.74 -3.82 15.43
N VAL A 115 14.69 -3.52 14.68
CA VAL A 115 13.40 -3.35 15.31
C VAL A 115 12.86 -4.65 15.94
N ARG A 116 13.16 -5.77 15.33
CA ARG A 116 12.66 -7.05 15.92
C ARG A 116 13.31 -7.23 17.33
N ALA A 117 14.57 -6.85 17.45
CA ALA A 117 15.27 -6.96 18.72
C ALA A 117 14.69 -6.03 19.69
N GLY A 118 14.38 -4.79 19.27
CA GLY A 118 13.76 -3.84 20.15
C GLY A 118 12.38 -4.24 20.61
N MET A 119 11.57 -4.74 19.67
CA MET A 119 10.23 -5.23 19.93
C MET A 119 10.28 -6.40 20.93
N ASP A 120 11.14 -7.37 20.64
CA ASP A 120 11.23 -8.57 21.48
C ASP A 120 11.59 -8.20 22.87
N ALA A 121 12.50 -7.26 23.03
CA ALA A 121 12.84 -6.75 24.34
C ALA A 121 11.66 -6.19 25.07
N LEU A 122 10.97 -5.20 24.44
CA LEU A 122 9.85 -4.55 25.09
C LEU A 122 8.80 -5.60 25.47
N VAL A 123 8.43 -6.50 24.53
CA VAL A 123 7.30 -7.41 24.79
C VAL A 123 7.68 -8.33 25.96
N ASP A 124 8.92 -8.69 26.03
CA ASP A 124 9.40 -9.54 27.10
C ASP A 124 9.19 -8.90 28.46
N VAL A 125 9.63 -7.65 28.59
CA VAL A 125 9.83 -7.08 29.91
C VAL A 125 8.65 -6.31 30.44
N GLY A 126 7.64 -6.14 29.62
CA GLY A 126 6.50 -5.30 29.96
C GLY A 126 5.38 -5.96 29.17
N ARG A 127 4.17 -5.51 29.30
CA ARG A 127 3.20 -6.02 28.37
C ARG A 127 2.47 -4.83 27.80
N PRO A 128 3.09 -4.15 26.82
CA PRO A 128 2.39 -2.99 26.31
C PRO A 128 1.10 -3.40 25.60
N SER A 129 0.13 -2.51 25.54
CA SER A 129 -1.08 -2.84 24.76
C SER A 129 -0.81 -2.87 23.24
N SER A 130 0.16 -2.06 22.77
CA SER A 130 0.66 -2.22 21.43
C SER A 130 1.99 -1.62 21.26
N ILE A 131 2.65 -2.06 20.20
CA ILE A 131 3.90 -1.48 19.82
C ILE A 131 3.76 -1.03 18.32
N GLN A 132 4.13 0.22 18.08
CA GLN A 132 4.14 0.80 16.73
C GLN A 132 5.56 1.25 16.43
N LEU A 133 5.84 1.53 15.15
CA LEU A 133 7.13 1.93 14.71
C LEU A 133 7.02 3.16 13.81
N ALA A 134 7.79 4.16 14.15
CA ALA A 134 8.02 5.34 13.29
C ALA A 134 9.41 5.43 12.85
N VAL A 135 9.63 5.64 11.57
CA VAL A 135 10.97 5.84 11.02
C VAL A 135 11.04 7.03 10.12
N LEU A 136 12.18 7.71 10.10
CA LEU A 136 12.35 8.79 9.15
C LEU A 136 12.44 8.27 7.74
N VAL A 137 13.16 7.19 7.54
CA VAL A 137 13.35 6.62 6.23
C VAL A 137 13.15 5.09 6.20
N ASP A 138 12.41 4.59 5.22
CA ASP A 138 12.33 3.15 4.93
C ASP A 138 13.14 2.89 3.66
N ARG A 139 14.21 2.14 3.76
CA ARG A 139 15.03 1.85 2.61
C ARG A 139 14.65 0.58 1.88
N GLY A 140 13.64 -0.10 2.33
CA GLY A 140 13.27 -1.41 1.78
C GLY A 140 14.19 -2.55 2.19
N HIS A 141 14.10 -3.60 1.42
CA HIS A 141 14.93 -4.80 1.59
C HIS A 141 14.66 -5.52 2.90
N ARG A 142 13.40 -5.56 3.33
CA ARG A 142 13.04 -6.27 4.58
C ARG A 142 13.43 -7.78 4.50
N GLU A 143 13.92 -8.35 5.58
CA GLU A 143 14.21 -9.76 5.69
C GLU A 143 13.33 -10.46 6.75
N LEU A 144 12.35 -9.72 7.27
CA LEU A 144 11.44 -10.16 8.28
C LEU A 144 10.08 -9.51 7.98
N PRO A 145 8.94 -10.10 8.46
CA PRO A 145 7.64 -9.46 8.19
C PRO A 145 7.35 -8.28 9.12
N ILE A 146 8.14 -7.23 9.01
CA ILE A 146 8.05 -6.04 9.85
C ILE A 146 7.84 -4.81 8.98
N ARG A 147 6.95 -3.95 9.38
CA ARG A 147 6.75 -2.70 8.67
C ARG A 147 6.67 -1.55 9.64
N ALA A 148 7.03 -0.36 9.15
CA ALA A 148 6.80 0.85 9.95
C ALA A 148 5.37 1.30 9.82
N ASP A 149 4.78 1.76 10.92
CA ASP A 149 3.51 2.39 10.90
C ASP A 149 3.56 3.80 10.36
N TYR A 150 4.66 4.50 10.61
CA TYR A 150 4.83 5.92 10.24
C TYR A 150 6.14 6.02 9.53
N ILE A 151 6.14 6.63 8.35
CA ILE A 151 7.34 6.68 7.51
C ILE A 151 7.55 8.05 6.92
N GLY A 152 8.69 8.66 7.25
CA GLY A 152 9.02 9.98 6.74
C GLY A 152 9.16 9.97 5.22
N LYS A 153 9.97 9.07 4.71
CA LYS A 153 10.24 8.98 3.27
C LYS A 153 10.65 7.62 2.88
N ASN A 154 9.98 7.06 1.86
CA ASN A 154 10.52 5.86 1.28
C ASN A 154 11.66 6.21 0.41
N ILE A 155 12.86 5.65 0.64
CA ILE A 155 14.02 5.86 -0.15
C ILE A 155 14.63 4.51 -0.54
N PRO A 156 14.02 3.84 -1.50
CA PRO A 156 14.61 2.56 -1.96
C PRO A 156 16.08 2.68 -2.37
N THR A 157 16.92 1.73 -1.93
CA THR A 157 18.29 1.83 -2.24
C THR A 157 18.67 0.63 -3.09
N SER A 158 19.62 0.87 -4.00
CA SER A 158 20.20 -0.23 -4.80
C SER A 158 21.26 -0.84 -3.92
N LYS A 159 21.92 -1.84 -4.49
CA LYS A 159 22.83 -2.69 -3.68
C LYS A 159 24.00 -1.93 -3.09
N SER A 160 24.50 -0.97 -3.86
CA SER A 160 25.67 -0.19 -3.46
C SER A 160 25.35 1.10 -2.71
N GLU A 161 24.06 1.37 -2.44
CA GLU A 161 23.70 2.68 -1.92
C GLU A 161 23.32 2.58 -0.47
N LYS A 162 23.48 3.69 0.24
CA LYS A 162 22.93 3.81 1.56
C LYS A 162 22.40 5.19 1.76
N VAL A 163 21.79 5.36 2.92
CA VAL A 163 21.16 6.57 3.21
C VAL A 163 21.90 7.32 4.33
N MET A 164 22.31 8.55 4.08
CA MET A 164 22.93 9.32 5.09
C MET A 164 21.89 10.14 5.77
N VAL A 165 21.75 9.98 7.09
CA VAL A 165 20.84 10.81 7.91
C VAL A 165 21.68 11.72 8.85
N GLN A 166 21.55 13.03 8.68
CA GLN A 166 22.19 13.97 9.55
C GLN A 166 21.14 14.67 10.33
N LEU A 167 21.34 14.77 11.63
CA LEU A 167 20.46 15.47 12.52
C LEU A 167 21.26 16.51 13.26
N ASP A 168 20.62 17.67 13.49
CA ASP A 168 21.30 18.82 14.07
C ASP A 168 21.91 18.51 15.42
N GLU A 169 21.22 17.66 16.19
CA GLU A 169 21.66 17.38 17.57
C GLU A 169 22.89 16.51 17.58
N VAL A 170 23.08 15.71 16.53
CA VAL A 170 24.10 14.69 16.49
C VAL A 170 25.19 15.00 15.50
N ASP A 171 24.77 15.58 14.38
CA ASP A 171 25.61 15.89 13.26
C ASP A 171 25.86 17.36 12.96
N GLN A 172 25.25 18.27 13.72
CA GLN A 172 25.32 19.70 13.50
C GLN A 172 24.71 20.13 12.14
N ASN A 173 23.89 19.27 11.55
CA ASN A 173 23.19 19.61 10.33
C ASN A 173 21.93 18.67 10.17
N ASP A 174 20.86 19.12 9.51
CA ASP A 174 19.66 18.29 9.20
C ASP A 174 19.63 18.01 7.72
N LEU A 175 19.75 16.76 7.35
CA LEU A 175 19.76 16.37 5.93
C LEU A 175 19.56 14.84 5.79
N VAL A 176 18.86 14.42 4.75
CA VAL A 176 18.84 13.07 4.35
C VAL A 176 19.26 12.95 2.91
N ALA A 177 20.23 12.12 2.65
CA ALA A 177 20.77 11.99 1.29
C ALA A 177 21.07 10.58 0.99
N ILE A 178 21.04 10.26 -0.29
CA ILE A 178 21.46 8.95 -0.71
C ILE A 178 22.87 9.01 -1.26
N TYR A 179 23.68 8.00 -0.95
CA TYR A 179 25.05 7.98 -1.41
C TYR A 179 25.51 6.56 -1.77
N GLU A 180 26.57 6.51 -2.56
CA GLU A 180 27.28 5.28 -2.87
C GLU A 180 28.26 5.00 -1.79
N ASN A 181 28.10 3.86 -1.15
CA ASN A 181 29.03 3.34 -0.18
C ASN A 181 30.38 2.92 -0.79
N GLU A 182 31.42 3.74 -0.59
CA GLU A 182 32.81 3.43 -0.90
C GLU A 182 33.27 4.46 -1.88
N LYS B 5 -22.14 -10.16 9.80
CA LYS B 5 -22.28 -11.16 8.72
C LYS B 5 -22.07 -10.53 7.30
N ALA B 6 -21.00 -11.00 6.67
CA ALA B 6 -20.86 -10.98 5.25
C ALA B 6 -20.02 -12.23 4.94
N VAL B 7 -20.30 -12.95 3.88
CA VAL B 7 -19.33 -13.91 3.33
C VAL B 7 -18.30 -13.08 2.57
N ILE B 8 -17.02 -13.35 2.75
CA ILE B 8 -16.02 -12.59 2.02
C ILE B 8 -15.35 -13.43 0.95
N LEU B 9 -15.10 -14.70 1.23
CA LEU B 9 -14.57 -15.59 0.21
C LEU B 9 -15.28 -16.88 0.28
N ASP B 10 -15.66 -17.38 -0.91
CA ASP B 10 -16.24 -18.71 -1.03
C ASP B 10 -15.19 -19.58 -1.47
N GLU B 11 -15.53 -20.84 -1.67
CA GLU B 11 -14.57 -21.83 -1.99
C GLU B 11 -13.72 -21.49 -3.19
N GLN B 12 -14.38 -20.97 -4.21
CA GLN B 12 -13.70 -20.69 -5.46
C GLN B 12 -12.73 -19.54 -5.32
N ALA B 13 -13.13 -18.53 -4.57
CA ALA B 13 -12.31 -17.37 -4.34
C ALA B 13 -11.07 -17.79 -3.51
N ILE B 14 -11.24 -18.72 -2.59
CA ILE B 14 -10.12 -19.21 -1.77
C ILE B 14 -9.13 -19.89 -2.69
N ARG B 15 -9.64 -20.74 -3.56
CA ARG B 15 -8.77 -21.48 -4.45
C ARG B 15 -8.01 -20.50 -5.36
N ARG B 16 -8.67 -19.52 -5.91
CA ARG B 16 -7.98 -18.58 -6.81
C ARG B 16 -6.95 -17.72 -6.05
N ALA B 17 -7.24 -17.36 -4.82
CA ALA B 17 -6.29 -16.55 -4.00
C ALA B 17 -5.07 -17.38 -3.73
N LEU B 18 -5.25 -18.65 -3.39
CA LEU B 18 -4.09 -19.50 -3.06
C LEU B 18 -3.25 -19.82 -4.31
N THR B 19 -3.90 -20.01 -5.43
CA THR B 19 -3.19 -20.19 -6.70
C THR B 19 -2.33 -18.95 -7.05
N ARG B 20 -2.91 -17.76 -6.91
CA ARG B 20 -2.20 -16.52 -7.13
C ARG B 20 -1.00 -16.39 -6.16
N ILE B 21 -1.22 -16.65 -4.89
CA ILE B 21 -0.17 -16.58 -3.88
C ILE B 21 1.02 -17.49 -4.26
N ALA B 22 0.73 -18.74 -4.69
CA ALA B 22 1.75 -19.66 -5.15
C ALA B 22 2.61 -19.07 -6.25
N HIS B 23 1.97 -18.40 -7.23
CA HIS B 23 2.69 -17.79 -8.31
C HIS B 23 3.45 -16.59 -7.82
N GLU B 24 2.91 -15.87 -6.84
CA GLU B 24 3.65 -14.79 -6.25
C GLU B 24 4.91 -15.30 -5.56
N MET B 25 4.79 -16.41 -4.88
CA MET B 25 5.96 -16.96 -4.14
C MET B 25 7.07 -17.43 -5.08
N ILE B 26 6.69 -18.03 -6.19
CA ILE B 26 7.65 -18.42 -7.20
C ILE B 26 8.33 -17.21 -7.80
N GLU B 27 7.55 -16.20 -8.08
CA GLU B 27 8.08 -14.95 -8.61
C GLU B 27 9.11 -14.28 -7.71
N ARG B 28 8.74 -14.02 -6.46
CA ARG B 28 9.53 -13.23 -5.54
C ARG B 28 10.74 -13.95 -5.01
N ASN B 29 10.67 -15.24 -4.95
CA ASN B 29 11.80 -16.03 -4.45
C ASN B 29 12.60 -16.54 -5.62
N LYS B 30 12.15 -16.20 -6.83
CA LYS B 30 12.80 -16.69 -8.03
C LYS B 30 12.93 -18.20 -7.99
N GLY B 31 11.79 -18.89 -8.03
CA GLY B 31 11.77 -20.29 -7.97
C GLY B 31 11.70 -20.51 -6.48
N MET B 32 11.20 -21.66 -6.06
CA MET B 32 11.10 -21.93 -4.61
C MET B 32 12.23 -22.86 -4.10
N ASN B 33 13.34 -22.83 -4.81
CA ASN B 33 14.62 -23.36 -4.34
C ASN B 33 15.10 -22.73 -3.01
N ASN B 34 15.51 -23.56 -2.06
CA ASN B 34 16.02 -23.04 -0.79
C ASN B 34 14.99 -22.22 -0.05
N CYS B 35 13.73 -22.57 -0.25
CA CYS B 35 12.64 -21.90 0.43
C CYS B 35 11.69 -22.91 1.11
N ILE B 36 11.38 -22.71 2.38
CA ILE B 36 10.54 -23.64 3.12
C ILE B 36 9.29 -22.95 3.61
N LEU B 37 8.15 -23.65 3.56
CA LEU B 37 6.93 -23.13 4.13
C LEU B 37 6.77 -23.69 5.51
N VAL B 38 6.41 -22.86 6.47
CA VAL B 38 6.05 -23.32 7.78
C VAL B 38 4.69 -22.83 8.19
N GLY B 39 3.77 -23.76 8.42
CA GLY B 39 2.41 -23.41 8.80
C GLY B 39 2.25 -23.26 10.27
N ILE B 40 1.44 -22.28 10.66
CA ILE B 40 1.12 -22.03 12.04
C ILE B 40 -0.20 -22.63 12.40
N LYS B 41 -0.18 -23.51 13.41
CA LYS B 41 -1.41 -24.13 14.00
C LYS B 41 -2.12 -24.88 12.94
N THR B 42 -3.32 -25.38 13.25
CA THR B 42 -3.93 -26.33 12.37
C THR B 42 -4.21 -25.73 11.01
N ARG B 43 -4.92 -24.64 10.97
CA ARG B 43 -5.33 -24.11 9.64
C ARG B 43 -4.15 -23.60 8.82
N GLY B 44 -3.16 -22.97 9.45
CA GLY B 44 -1.98 -22.54 8.73
C GLY B 44 -1.23 -23.65 8.08
N ILE B 45 -1.12 -24.77 8.77
CA ILE B 45 -0.46 -25.90 8.24
C ILE B 45 -1.17 -26.42 7.02
N TYR B 46 -2.48 -26.49 7.09
CA TYR B 46 -3.23 -26.99 5.88
C TYR B 46 -3.08 -26.03 4.71
N LEU B 47 -3.10 -24.74 4.98
CA LEU B 47 -2.83 -23.72 3.91
C LEU B 47 -1.44 -23.86 3.36
N ALA B 48 -0.45 -24.10 4.23
CA ALA B 48 0.89 -24.36 3.75
C ALA B 48 0.99 -25.58 2.85
N LYS B 49 0.32 -26.65 3.25
CA LYS B 49 0.33 -27.87 2.39
C LYS B 49 -0.32 -27.60 1.05
N ARG B 50 -1.41 -26.84 1.03
CA ARG B 50 -2.05 -26.51 -0.22
C ARG B 50 -1.09 -25.74 -1.09
N LEU B 51 -0.40 -24.78 -0.50
CA LEU B 51 0.51 -23.97 -1.30
C LEU B 51 1.64 -24.80 -1.80
N ALA B 52 2.16 -25.69 -0.98
CA ALA B 52 3.27 -26.55 -1.41
C ALA B 52 2.90 -27.46 -2.61
N GLU B 53 1.73 -28.04 -2.58
CA GLU B 53 1.25 -28.90 -3.69
C GLU B 53 1.14 -28.08 -4.93
N ARG B 54 0.60 -26.89 -4.80
CA ARG B 54 0.46 -26.03 -5.98
C ARG B 54 1.83 -25.68 -6.53
N ILE B 55 2.75 -25.30 -5.66
CA ILE B 55 4.08 -24.97 -6.13
C ILE B 55 4.76 -26.16 -6.83
N GLU B 56 4.62 -27.33 -6.26
CA GLU B 56 5.18 -28.56 -6.86
C GLU B 56 4.65 -28.76 -8.25
N GLN B 57 3.38 -28.52 -8.41
CA GLN B 57 2.73 -28.62 -9.71
C GLN B 57 3.29 -27.65 -10.69
N ILE B 58 3.51 -26.42 -10.25
CA ILE B 58 3.97 -25.39 -11.16
C ILE B 58 5.43 -25.60 -11.58
N GLU B 59 6.32 -25.85 -10.62
CA GLU B 59 7.76 -25.88 -10.84
C GLU B 59 8.32 -27.29 -10.99
N GLY B 60 7.58 -28.31 -10.56
CA GLY B 60 8.01 -29.70 -10.68
C GLY B 60 8.94 -30.21 -9.60
N ASN B 61 9.20 -29.41 -8.56
CA ASN B 61 10.06 -29.80 -7.41
C ASN B 61 9.25 -29.74 -6.11
N PRO B 62 9.40 -30.71 -5.19
CA PRO B 62 8.65 -30.54 -3.92
C PRO B 62 9.16 -29.40 -3.06
N VAL B 63 8.29 -28.89 -2.22
CA VAL B 63 8.69 -27.84 -1.30
C VAL B 63 8.46 -28.38 0.10
N THR B 64 9.41 -28.16 0.96
CA THR B 64 9.33 -28.69 2.30
C THR B 64 8.32 -27.88 3.09
N VAL B 65 7.52 -28.58 3.91
CA VAL B 65 6.58 -27.93 4.80
C VAL B 65 6.86 -28.28 6.24
N GLY B 66 7.02 -27.27 7.09
CA GLY B 66 7.15 -27.51 8.51
C GLY B 66 5.94 -26.98 9.24
N GLU B 67 5.91 -27.19 10.53
CA GLU B 67 4.81 -26.86 11.36
C GLU B 67 5.28 -26.20 12.62
N ILE B 68 4.51 -25.20 13.07
CA ILE B 68 4.67 -24.65 14.39
C ILE B 68 3.34 -24.65 15.08
N ASP B 69 3.33 -25.12 16.30
CA ASP B 69 2.12 -25.06 17.11
C ASP B 69 2.14 -24.05 18.21
N ILE B 70 1.06 -23.33 18.36
CA ILE B 70 1.04 -22.14 19.20
C ILE B 70 -0.23 -22.16 19.98
N THR B 71 -0.13 -21.98 21.31
CA THR B 71 -1.26 -22.05 22.20
C THR B 71 -1.44 -20.73 22.89
N LEU B 72 -2.67 -20.31 23.11
CA LEU B 72 -2.95 -19.13 23.93
C LEU B 72 -2.89 -19.42 25.43
N TYR B 73 -2.12 -18.65 26.15
CA TYR B 73 -2.08 -18.73 27.59
C TYR B 73 -2.78 -17.50 28.15
N ARG B 74 -3.43 -17.62 29.28
CA ARG B 74 -4.23 -16.52 29.83
C ARG B 74 -3.91 -16.19 31.30
N ASP B 75 -4.10 -14.93 31.67
CA ASP B 75 -4.00 -14.45 33.07
C ASP B 75 -5.33 -13.90 33.59
N ASP B 76 -5.53 -13.93 34.90
CA ASP B 76 -6.73 -13.35 35.53
C ASP B 76 -6.63 -11.92 36.06
N LEU B 77 -7.53 -11.13 35.46
CA LEU B 77 -7.63 -9.68 35.51
C LEU B 77 -7.25 -9.13 34.12
N THR B 81 -11.24 -8.87 26.51
CA THR B 81 -10.83 -8.42 25.20
C THR B 81 -9.36 -8.65 24.95
N SER B 82 -8.56 -8.77 26.02
CA SER B 82 -7.14 -8.61 25.87
C SER B 82 -6.34 -9.23 26.99
N ASN B 83 -5.03 -9.25 26.70
CA ASN B 83 -3.88 -9.64 27.52
C ASN B 83 -3.46 -11.12 27.50
N ASP B 84 -4.07 -11.94 26.62
CA ASP B 84 -3.65 -13.34 26.39
C ASP B 84 -2.35 -13.38 25.57
N GLU B 85 -1.54 -14.42 25.77
CA GLU B 85 -0.23 -14.50 25.16
C GLU B 85 -0.07 -15.79 24.43
N PRO B 86 0.20 -15.73 23.11
CA PRO B 86 0.47 -16.96 22.41
C PRO B 86 1.87 -17.45 22.59
N LEU B 87 2.05 -18.73 22.90
CA LEU B 87 3.35 -19.30 23.15
C LEU B 87 3.48 -20.47 22.31
N VAL B 88 4.67 -20.68 21.80
CA VAL B 88 4.99 -21.89 21.00
C VAL B 88 4.97 -23.16 21.84
N LYS B 89 4.28 -24.18 21.38
CA LYS B 89 4.16 -25.40 22.08
C LYS B 89 4.79 -26.56 21.34
N GLY B 90 5.26 -26.31 20.13
CA GLY B 90 6.06 -27.30 19.43
C GLY B 90 6.34 -26.82 18.05
N ALA B 91 7.37 -27.37 17.48
CA ALA B 91 7.74 -27.08 16.12
C ALA B 91 8.20 -28.37 15.52
N ASP B 92 7.92 -28.59 14.25
CA ASP B 92 8.45 -29.73 13.53
C ASP B 92 8.86 -29.23 12.21
N ILE B 93 10.15 -29.03 12.07
CA ILE B 93 10.67 -28.56 10.80
C ILE B 93 11.65 -29.56 10.26
N PRO B 94 11.28 -30.26 9.18
CA PRO B 94 12.11 -31.44 8.89
C PRO B 94 13.48 -31.20 8.22
N VAL B 95 13.87 -29.95 7.94
CA VAL B 95 15.15 -29.67 7.33
C VAL B 95 15.78 -28.53 8.07
N ASP B 96 17.06 -28.35 7.83
CA ASP B 96 17.85 -27.26 8.40
C ASP B 96 17.44 -25.92 7.73
N ILE B 97 17.07 -24.93 8.52
CA ILE B 97 16.62 -23.65 7.93
C ILE B 97 17.71 -22.58 7.84
N THR B 98 18.90 -22.88 8.32
CA THR B 98 19.96 -21.91 8.32
C THR B 98 20.33 -21.45 6.96
N ASP B 99 20.34 -20.14 6.76
CA ASP B 99 20.55 -19.58 5.43
C ASP B 99 19.49 -19.93 4.39
N GLN B 100 18.33 -20.38 4.82
CA GLN B 100 17.23 -20.66 3.88
C GLN B 100 16.14 -19.62 4.09
N LYS B 101 15.30 -19.45 3.09
CA LYS B 101 14.14 -18.57 3.22
C LYS B 101 13.04 -19.34 3.81
N VAL B 102 12.42 -18.79 4.85
CA VAL B 102 11.28 -19.41 5.44
C VAL B 102 10.06 -18.53 5.17
N ILE B 103 8.96 -19.13 4.77
CA ILE B 103 7.68 -18.43 4.71
C ILE B 103 6.72 -18.97 5.73
N LEU B 104 6.41 -18.17 6.75
CA LEU B 104 5.39 -18.52 7.69
C LEU B 104 3.98 -18.42 7.01
N VAL B 105 3.06 -19.33 7.37
CA VAL B 105 1.73 -19.32 6.75
C VAL B 105 0.70 -19.45 7.82
N ASP B 106 -0.26 -18.52 7.83
CA ASP B 106 -1.38 -18.57 8.75
C ASP B 106 -2.69 -18.23 8.05
N ASP B 107 -3.79 -18.55 8.69
CA ASP B 107 -5.08 -18.14 8.16
C ASP B 107 -5.45 -16.68 8.31
N VAL B 108 -5.38 -16.11 9.50
CA VAL B 108 -5.78 -14.76 9.77
C VAL B 108 -4.65 -14.04 10.50
N LEU B 109 -4.29 -12.88 9.97
CA LEU B 109 -3.43 -11.93 10.69
C LEU B 109 -4.34 -10.90 11.38
N TYR B 110 -4.17 -10.76 12.68
CA TYR B 110 -4.95 -9.81 13.47
C TYR B 110 -4.02 -8.91 14.25
N THR B 111 -3.77 -9.21 15.50
CA THR B 111 -2.79 -8.43 16.29
C THR B 111 -1.40 -8.54 15.85
N GLY B 112 -1.04 -9.68 15.29
CA GLY B 112 0.34 -9.96 14.94
C GLY B 112 1.12 -10.72 16.07
N ARG B 113 0.48 -10.94 17.22
CA ARG B 113 1.21 -11.57 18.33
C ARG B 113 1.52 -12.98 18.06
N THR B 114 0.65 -13.72 17.36
CA THR B 114 0.97 -15.08 17.05
C THR B 114 2.13 -15.22 16.12
N VAL B 115 2.14 -14.45 15.03
CA VAL B 115 3.28 -14.42 14.16
C VAL B 115 4.59 -14.03 14.90
N ARG B 116 4.49 -13.10 15.82
CA ARG B 116 5.74 -12.67 16.49
C ARG B 116 6.29 -13.85 17.28
N ALA B 117 5.41 -14.66 17.87
CA ALA B 117 5.86 -15.84 18.62
C ALA B 117 6.47 -16.87 17.69
N GLY B 118 5.87 -17.06 16.53
CA GLY B 118 6.46 -17.93 15.56
C GLY B 118 7.77 -17.50 14.99
N MET B 119 7.86 -16.22 14.67
CA MET B 119 9.12 -15.62 14.16
C MET B 119 10.26 -15.85 15.17
N ASP B 120 9.98 -15.65 16.42
CA ASP B 120 11.00 -15.92 17.44
C ASP B 120 11.44 -17.36 17.47
N ALA B 121 10.49 -18.24 17.45
CA ALA B 121 10.80 -19.62 17.53
C ALA B 121 11.71 -20.02 16.42
N LEU B 122 11.44 -19.51 15.24
CA LEU B 122 12.23 -19.94 14.06
C LEU B 122 13.65 -19.70 14.33
N VAL B 123 13.91 -18.63 15.03
CA VAL B 123 15.27 -18.27 15.35
C VAL B 123 15.85 -19.07 16.51
N ASP B 124 15.09 -19.92 17.15
CA ASP B 124 15.80 -20.88 17.94
C ASP B 124 16.01 -22.21 17.23
N VAL B 125 15.66 -22.34 15.94
CA VAL B 125 15.98 -23.58 15.18
C VAL B 125 16.92 -23.51 13.95
N GLY B 126 17.13 -22.30 13.41
CA GLY B 126 18.10 -22.03 12.35
C GLY B 126 18.23 -20.53 12.25
N ARG B 127 19.25 -19.99 11.61
CA ARG B 127 19.27 -18.56 11.30
C ARG B 127 18.83 -18.46 9.87
N PRO B 128 17.51 -18.33 9.62
CA PRO B 128 17.16 -18.29 8.20
C PRO B 128 17.66 -17.01 7.52
N SER B 129 17.89 -17.05 6.24
CA SER B 129 18.35 -15.80 5.60
C SER B 129 17.21 -14.73 5.62
N SER B 130 15.95 -15.15 5.54
CA SER B 130 14.81 -14.28 5.73
C SER B 130 13.56 -15.03 6.08
N ILE B 131 12.64 -14.32 6.72
CA ILE B 131 11.36 -14.84 7.07
C ILE B 131 10.28 -13.94 6.40
N GLN B 132 9.39 -14.56 5.68
CA GLN B 132 8.26 -13.92 5.03
C GLN B 132 6.98 -14.47 5.66
N LEU B 133 5.86 -13.81 5.40
CA LEU B 133 4.58 -14.22 5.98
C LEU B 133 3.49 -14.19 4.90
N ALA B 134 2.77 -15.31 4.78
CA ALA B 134 1.58 -15.41 3.92
C ALA B 134 0.37 -15.70 4.77
N VAL B 135 -0.70 -14.96 4.57
CA VAL B 135 -1.94 -15.17 5.27
C VAL B 135 -3.12 -15.12 4.30
N LEU B 136 -4.14 -15.88 4.64
CA LEU B 136 -5.33 -15.88 3.81
C LEU B 136 -6.08 -14.61 3.97
N VAL B 137 -6.23 -14.13 5.21
CA VAL B 137 -6.91 -12.92 5.52
C VAL B 137 -6.06 -12.01 6.40
N ASP B 138 -5.97 -10.71 6.06
CA ASP B 138 -5.49 -9.71 6.98
C ASP B 138 -6.71 -8.95 7.45
N ARG B 139 -7.00 -9.03 8.76
CA ARG B 139 -8.19 -8.33 9.32
C ARG B 139 -7.93 -7.02 10.01
N GLY B 140 -6.70 -6.55 9.91
CA GLY B 140 -6.32 -5.30 10.53
C GLY B 140 -6.16 -5.37 12.04
N HIS B 141 -6.09 -4.19 12.62
CA HIS B 141 -5.89 -4.05 14.08
C HIS B 141 -4.61 -4.62 14.63
N ARG B 142 -3.53 -4.40 13.90
CA ARG B 142 -2.22 -4.83 14.40
C ARG B 142 -1.88 -4.16 15.75
N GLU B 143 -1.20 -4.87 16.63
CA GLU B 143 -0.72 -4.34 17.89
C GLU B 143 0.80 -4.41 17.94
N LEU B 144 1.41 -4.75 16.82
CA LEU B 144 2.84 -4.90 16.64
C LEU B 144 3.16 -4.48 15.18
N PRO B 145 4.43 -4.13 14.87
CA PRO B 145 4.73 -3.65 13.52
C PRO B 145 5.00 -4.76 12.55
N ILE B 146 4.00 -5.60 12.33
CA ILE B 146 4.16 -6.83 11.57
C ILE B 146 3.26 -6.76 10.37
N ARG B 147 3.73 -7.18 9.22
CA ARG B 147 2.88 -7.23 8.06
C ARG B 147 3.05 -8.53 7.32
N ALA B 148 2.00 -8.91 6.62
CA ALA B 148 2.12 -10.06 5.68
C ALA B 148 2.69 -9.64 4.35
N ASP B 149 3.56 -10.45 3.80
CA ASP B 149 4.09 -10.28 2.48
C ASP B 149 3.12 -10.80 1.37
N TYR B 150 2.33 -11.80 1.69
CA TYR B 150 1.34 -12.37 0.76
C TYR B 150 0.03 -12.41 1.47
N ILE B 151 -1.05 -11.90 0.82
CA ILE B 151 -2.32 -11.76 1.45
C ILE B 151 -3.40 -12.18 0.48
N GLY B 152 -4.22 -13.11 0.92
CA GLY B 152 -5.33 -13.53 0.16
C GLY B 152 -6.36 -12.44 -0.01
N LYS B 153 -6.81 -11.85 1.08
CA LYS B 153 -7.74 -10.77 1.04
C LYS B 153 -7.57 -9.83 2.24
N ASN B 154 -7.44 -8.53 1.96
CA ASN B 154 -7.26 -7.49 3.01
C ASN B 154 -8.59 -7.02 3.47
N ILE B 155 -8.92 -7.29 4.73
CA ILE B 155 -10.28 -7.17 5.22
C ILE B 155 -10.39 -6.35 6.53
N PRO B 156 -10.30 -5.00 6.46
CA PRO B 156 -10.37 -4.25 7.71
C PRO B 156 -11.64 -4.56 8.48
N THR B 157 -11.50 -4.75 9.79
CA THR B 157 -12.66 -5.11 10.62
C THR B 157 -12.68 -4.27 11.88
N SER B 158 -13.82 -4.28 12.55
CA SER B 158 -13.94 -3.69 13.88
C SER B 158 -13.51 -4.67 14.95
N LYS B 159 -13.12 -4.20 16.14
CA LYS B 159 -12.77 -5.10 17.26
C LYS B 159 -14.00 -5.93 17.66
N SER B 160 -15.19 -5.41 17.39
CA SER B 160 -16.41 -6.12 17.74
C SER B 160 -16.86 -7.06 16.64
N GLU B 161 -16.00 -7.32 15.66
CA GLU B 161 -16.25 -8.40 14.69
C GLU B 161 -15.26 -9.54 14.88
N LYS B 162 -15.58 -10.69 14.28
CA LYS B 162 -14.69 -11.85 14.22
C LYS B 162 -14.67 -12.42 12.79
N VAL B 163 -13.56 -12.98 12.32
CA VAL B 163 -13.47 -13.66 11.04
C VAL B 163 -13.55 -15.18 11.18
N MET B 164 -14.51 -15.82 10.55
CA MET B 164 -14.57 -17.28 10.58
C MET B 164 -13.88 -17.80 9.33
N VAL B 165 -12.80 -18.58 9.50
CA VAL B 165 -12.17 -19.28 8.43
C VAL B 165 -12.50 -20.77 8.53
N GLN B 166 -13.15 -21.30 7.49
CA GLN B 166 -13.39 -22.73 7.37
C GLN B 166 -12.59 -23.32 6.25
N LEU B 167 -11.92 -24.43 6.51
CA LEU B 167 -11.17 -25.13 5.54
C LEU B 167 -11.63 -26.57 5.50
N ASP B 168 -11.64 -27.10 4.30
CA ASP B 168 -12.17 -28.41 4.01
C ASP B 168 -11.56 -29.51 4.86
N GLU B 169 -10.26 -29.43 5.10
CA GLU B 169 -9.55 -30.49 5.79
C GLU B 169 -9.99 -30.58 7.24
N VAL B 170 -10.44 -29.46 7.78
CA VAL B 170 -10.76 -29.36 9.20
C VAL B 170 -12.22 -29.24 9.45
N ASP B 171 -12.88 -28.46 8.59
CA ASP B 171 -14.27 -28.04 8.76
C ASP B 171 -15.22 -28.65 7.72
N GLN B 172 -14.72 -29.39 6.77
CA GLN B 172 -15.56 -29.92 5.66
C GLN B 172 -16.26 -28.84 4.78
N ASN B 173 -15.73 -27.62 4.81
CA ASN B 173 -16.19 -26.58 3.97
C ASN B 173 -15.07 -25.51 3.83
N ASP B 174 -14.96 -24.86 2.66
CA ASP B 174 -14.02 -23.73 2.48
C ASP B 174 -14.79 -22.41 2.46
N LEU B 175 -14.52 -21.53 3.42
CA LEU B 175 -15.26 -20.25 3.46
C LEU B 175 -14.57 -19.28 4.39
N VAL B 176 -14.65 -18.00 4.06
CA VAL B 176 -14.26 -16.97 4.99
C VAL B 176 -15.40 -15.95 5.17
N ALA B 177 -15.80 -15.73 6.41
CA ALA B 177 -16.92 -14.85 6.69
C ALA B 177 -16.69 -14.07 7.96
N ILE B 178 -17.33 -12.91 8.02
CA ILE B 178 -17.18 -12.03 9.12
C ILE B 178 -18.49 -12.03 9.89
N TYR B 179 -18.38 -12.10 11.20
CA TYR B 179 -19.58 -12.06 12.05
C TYR B 179 -19.42 -11.13 13.28
N GLU B 180 -20.53 -10.70 13.89
CA GLU B 180 -20.47 -9.79 15.06
C GLU B 180 -20.04 -10.55 16.27
N ASN B 181 -18.94 -10.10 16.88
CA ASN B 181 -18.38 -10.67 18.08
C ASN B 181 -19.35 -10.45 19.21
N GLU B 182 -19.75 -9.19 19.36
CA GLU B 182 -20.75 -8.84 20.34
C GLU B 182 -20.35 -9.37 21.72
N GLN C 4 -25.99 3.06 12.32
CA GLN C 4 -26.71 2.00 11.57
C GLN C 4 -25.71 0.86 11.34
N LYS C 5 -25.42 0.41 10.13
CA LYS C 5 -24.55 -0.77 10.04
C LYS C 5 -23.21 -0.52 10.76
N ALA C 6 -22.68 0.71 10.69
CA ALA C 6 -21.51 1.08 11.52
C ALA C 6 -21.10 2.57 11.46
N VAL C 7 -20.74 3.17 12.59
CA VAL C 7 -20.01 4.46 12.52
C VAL C 7 -18.54 4.14 12.22
N ILE C 8 -17.92 5.02 11.47
CA ILE C 8 -16.52 4.88 11.20
C ILE C 8 -15.71 6.06 11.71
N LEU C 9 -16.23 7.30 11.58
CA LEU C 9 -15.56 8.46 12.14
C LEU C 9 -16.53 9.32 12.81
N ASP C 10 -16.17 9.76 14.00
CA ASP C 10 -16.93 10.79 14.67
C ASP C 10 -16.26 12.10 14.39
N GLU C 11 -16.79 13.14 14.96
CA GLU C 11 -16.34 14.44 14.74
C GLU C 11 -14.84 14.63 14.97
N GLN C 12 -14.36 14.05 16.06
CA GLN C 12 -13.00 14.25 16.46
C GLN C 12 -12.10 13.56 15.50
N ALA C 13 -12.51 12.38 15.05
CA ALA C 13 -11.73 11.64 14.16
C ALA C 13 -11.65 12.39 12.81
N ILE C 14 -12.73 13.06 12.44
CA ILE C 14 -12.78 13.82 11.16
C ILE C 14 -11.81 15.02 11.22
N ARG C 15 -11.84 15.73 12.33
CA ARG C 15 -10.91 16.79 12.56
C ARG C 15 -9.43 16.31 12.51
N ARG C 16 -9.12 15.18 13.15
CA ARG C 16 -7.75 14.69 13.15
C ARG C 16 -7.29 14.21 11.79
N ALA C 17 -8.19 13.57 11.04
CA ALA C 17 -7.84 13.06 9.72
C ALA C 17 -7.58 14.28 8.80
N LEU C 18 -8.41 15.32 8.87
CA LEU C 18 -8.24 16.48 7.98
C LEU C 18 -7.00 17.29 8.35
N THR C 19 -6.71 17.38 9.64
CA THR C 19 -5.43 18.00 10.07
C THR C 19 -4.24 17.24 9.54
N ARG C 20 -4.27 15.93 9.63
CA ARG C 20 -3.18 15.12 9.14
C ARG C 20 -3.02 15.30 7.61
N ILE C 21 -4.15 15.26 6.91
CA ILE C 21 -4.15 15.46 5.42
C ILE C 21 -3.48 16.80 5.04
N ALA C 22 -3.87 17.86 5.71
CA ALA C 22 -3.24 19.14 5.50
C ALA C 22 -1.74 19.13 5.59
N HIS C 23 -1.20 18.44 6.60
CA HIS C 23 0.23 18.30 6.77
C HIS C 23 0.83 17.45 5.71
N GLU C 24 0.11 16.45 5.22
CA GLU C 24 0.59 15.69 4.09
C GLU C 24 0.67 16.53 2.85
N MET C 25 -0.32 17.36 2.66
CA MET C 25 -0.30 18.20 1.45
C MET C 25 0.86 19.22 1.47
N ILE C 26 1.13 19.81 2.63
CA ILE C 26 2.28 20.72 2.82
C ILE C 26 3.60 20.00 2.56
N GLU C 27 3.70 18.77 3.04
CA GLU C 27 4.89 18.00 2.86
C GLU C 27 5.11 17.60 1.42
N ARG C 28 4.14 17.01 0.80
CA ARG C 28 4.34 16.47 -0.55
C ARG C 28 4.44 17.54 -1.63
N ASN C 29 3.87 18.69 -1.39
CA ASN C 29 3.91 19.69 -2.37
C ASN C 29 5.00 20.68 -2.00
N LYS C 30 5.73 20.38 -0.94
CA LYS C 30 6.73 21.27 -0.41
C LYS C 30 6.16 22.69 -0.26
N GLY C 31 5.18 22.85 0.64
CA GLY C 31 4.58 24.11 1.02
C GLY C 31 3.17 24.56 0.55
N MET C 32 2.76 24.06 -0.57
CA MET C 32 1.46 24.48 -1.14
C MET C 32 1.50 25.78 -1.97
N ASN C 33 2.69 26.30 -2.23
CA ASN C 33 2.88 27.32 -3.26
C ASN C 33 2.50 26.79 -4.65
N ASN C 34 1.76 27.57 -5.41
CA ASN C 34 1.35 27.13 -6.76
C ASN C 34 0.52 25.86 -6.77
N CYS C 35 -0.19 25.67 -5.67
CA CYS C 35 -1.11 24.54 -5.53
C CYS C 35 -2.49 25.04 -5.12
N ILE C 36 -3.50 24.63 -5.84
CA ILE C 36 -4.88 25.02 -5.52
C ILE C 36 -5.80 23.80 -5.18
N LEU C 37 -6.78 23.99 -4.28
CA LEU C 37 -7.69 22.93 -3.96
C LEU C 37 -8.97 23.17 -4.77
N VAL C 38 -9.52 22.12 -5.36
CA VAL C 38 -10.81 22.19 -5.98
C VAL C 38 -11.79 21.19 -5.43
N GLY C 39 -12.83 21.66 -4.75
CA GLY C 39 -13.81 20.79 -4.12
C GLY C 39 -14.90 20.36 -5.08
N ILE C 40 -15.30 19.11 -4.97
CA ILE C 40 -16.39 18.55 -5.80
C ILE C 40 -17.67 18.57 -5.06
N LYS C 41 -18.69 19.23 -5.60
CA LYS C 41 -20.08 19.22 -5.09
C LYS C 41 -20.07 19.78 -3.75
N THR C 42 -21.16 19.66 -3.03
CA THR C 42 -21.31 20.47 -1.86
C THR C 42 -20.33 20.05 -0.83
N ARG C 43 -20.34 18.78 -0.49
CA ARG C 43 -19.49 18.33 0.62
C ARG C 43 -18.00 18.39 0.37
N GLY C 44 -17.59 18.12 -0.84
CA GLY C 44 -16.21 18.30 -1.25
C GLY C 44 -15.73 19.69 -1.12
N ILE C 45 -16.59 20.66 -1.40
CA ILE C 45 -16.19 22.06 -1.27
C ILE C 45 -15.99 22.45 0.16
N TYR C 46 -16.86 21.96 1.05
CA TYR C 46 -16.68 22.24 2.47
C TYR C 46 -15.42 21.59 3.01
N LEU C 47 -15.11 20.40 2.57
CA LEU C 47 -13.85 19.77 2.96
C LEU C 47 -12.62 20.55 2.44
N ALA C 48 -12.69 21.00 1.19
CA ALA C 48 -11.61 21.81 0.60
C ALA C 48 -11.40 23.09 1.40
N LYS C 49 -12.51 23.72 1.86
CA LYS C 49 -12.37 24.91 2.63
C LYS C 49 -11.76 24.65 3.98
N ARG C 50 -12.14 23.57 4.64
CA ARG C 50 -11.52 23.24 5.91
C ARG C 50 -10.03 23.00 5.73
N LEU C 51 -9.65 22.31 4.68
CA LEU C 51 -8.27 22.03 4.40
C LEU C 51 -7.45 23.30 4.08
N ALA C 52 -8.02 24.19 3.31
CA ALA C 52 -7.37 25.47 2.97
C ALA C 52 -7.11 26.31 4.19
N GLU C 53 -8.08 26.38 5.07
N GLU C 53 -8.07 26.38 5.07
CA GLU C 53 -7.91 27.15 6.29
CA GLU C 53 -7.90 27.16 6.30
C GLU C 53 -6.82 26.55 7.17
C GLU C 53 -6.82 26.55 7.17
N ARG C 54 -6.80 25.24 7.28
CA ARG C 54 -5.77 24.57 8.05
C ARG C 54 -4.37 24.78 7.46
N ILE C 55 -4.26 24.63 6.16
CA ILE C 55 -3.00 24.82 5.52
C ILE C 55 -2.45 26.19 5.76
N GLU C 56 -3.28 27.24 5.62
CA GLU C 56 -2.78 28.58 5.85
C GLU C 56 -2.27 28.77 7.25
N GLN C 57 -2.94 28.17 8.21
CA GLN C 57 -2.51 28.26 9.61
C GLN C 57 -1.18 27.57 9.88
N ILE C 58 -0.89 26.50 9.19
CA ILE C 58 0.36 25.80 9.44
C ILE C 58 1.64 26.54 9.05
N GLU C 59 1.69 27.05 7.83
CA GLU C 59 2.89 27.76 7.34
C GLU C 59 2.69 29.21 6.92
N GLY C 60 1.50 29.71 7.12
CA GLY C 60 1.23 31.08 6.79
C GLY C 60 0.99 31.42 5.35
N ASN C 61 0.82 30.43 4.48
CA ASN C 61 0.50 30.75 3.09
C ASN C 61 -0.93 30.42 2.66
N PRO C 62 -1.64 31.40 2.07
CA PRO C 62 -3.03 31.15 1.72
C PRO C 62 -3.15 30.18 0.58
N VAL C 63 -4.26 29.43 0.54
CA VAL C 63 -4.52 28.49 -0.54
C VAL C 63 -5.87 28.88 -1.19
N THR C 64 -5.87 28.89 -2.49
CA THR C 64 -7.10 29.14 -3.28
C THR C 64 -7.99 27.90 -3.29
N VAL C 65 -9.30 28.12 -3.33
CA VAL C 65 -10.29 27.03 -3.40
C VAL C 65 -11.22 27.26 -4.57
N GLY C 66 -11.27 26.32 -5.50
CA GLY C 66 -12.24 26.33 -6.56
C GLY C 66 -13.26 25.26 -6.34
N GLU C 67 -14.25 25.22 -7.22
CA GLU C 67 -15.39 24.40 -7.05
C GLU C 67 -15.77 23.81 -8.37
N ILE C 68 -16.11 22.54 -8.36
CA ILE C 68 -16.66 21.85 -9.50
C ILE C 68 -17.99 21.26 -9.09
N ASP C 69 -19.02 21.46 -9.89
CA ASP C 69 -20.30 20.83 -9.65
C ASP C 69 -20.58 19.75 -10.61
N ILE C 70 -21.05 18.64 -10.09
CA ILE C 70 -21.15 17.41 -10.89
C ILE C 70 -22.46 16.78 -10.57
N THR C 71 -23.22 16.43 -11.62
CA THR C 71 -24.56 15.88 -11.50
C THR C 71 -24.60 14.50 -12.12
N LEU C 72 -25.37 13.60 -11.52
CA LEU C 72 -25.60 12.28 -12.09
C LEU C 72 -26.70 12.32 -13.12
N TYR C 73 -26.39 11.84 -14.29
CA TYR C 73 -27.36 11.73 -15.36
C TYR C 73 -27.66 10.26 -15.49
N ARG C 74 -28.89 9.92 -15.80
CA ARG C 74 -29.28 8.51 -15.89
C ARG C 74 -29.84 8.20 -17.26
N ASP C 75 -29.70 6.97 -17.74
CA ASP C 75 -30.46 6.60 -18.96
C ASP C 75 -31.75 5.81 -18.76
N ASP C 76 -32.08 5.43 -17.54
CA ASP C 76 -33.27 4.59 -17.28
C ASP C 76 -33.75 4.95 -15.90
N LEU C 77 -35.01 4.73 -15.62
CA LEU C 77 -35.44 4.99 -14.26
C LEU C 77 -35.78 3.67 -13.67
N SER C 82 -26.36 -0.74 -13.59
CA SER C 82 -26.70 0.52 -12.95
C SER C 82 -25.80 1.66 -13.46
N ASN C 83 -25.80 1.84 -14.78
CA ASN C 83 -24.79 2.69 -15.43
C ASN C 83 -25.16 4.19 -15.65
N ASP C 84 -25.15 4.91 -14.53
CA ASP C 84 -25.32 6.36 -14.49
C ASP C 84 -24.01 7.06 -14.90
N GLU C 85 -24.10 8.32 -15.32
CA GLU C 85 -22.92 9.09 -15.74
C GLU C 85 -22.88 10.45 -15.08
N PRO C 86 -21.82 10.71 -14.26
CA PRO C 86 -21.64 12.02 -13.73
C PRO C 86 -21.12 12.98 -14.76
N LEU C 87 -21.73 14.14 -14.87
CA LEU C 87 -21.31 15.14 -15.83
C LEU C 87 -21.09 16.43 -15.10
N VAL C 88 -20.10 17.19 -15.53
CA VAL C 88 -19.83 18.47 -14.96
C VAL C 88 -20.89 19.49 -15.32
N LYS C 89 -21.39 20.17 -14.32
CA LYS C 89 -22.46 21.13 -14.49
C LYS C 89 -21.92 22.54 -14.41
N GLY C 90 -20.76 22.73 -13.81
CA GLY C 90 -20.18 24.03 -13.67
C GLY C 90 -18.88 23.90 -12.94
N ALA C 91 -18.04 24.88 -13.12
CA ALA C 91 -16.79 24.97 -12.44
C ALA C 91 -16.54 26.43 -12.12
N ASP C 92 -16.00 26.68 -10.96
CA ASP C 92 -15.57 28.02 -10.62
C ASP C 92 -14.19 27.85 -10.15
N ILE C 93 -13.27 28.17 -11.03
CA ILE C 93 -11.84 28.13 -10.69
C ILE C 93 -11.29 29.56 -10.69
N PRO C 94 -10.98 30.15 -9.51
CA PRO C 94 -10.74 31.59 -9.65
C PRO C 94 -9.35 32.07 -10.10
N VAL C 95 -8.44 31.16 -10.41
CA VAL C 95 -7.15 31.54 -10.88
C VAL C 95 -6.79 30.68 -12.09
N ASP C 96 -5.80 31.12 -12.84
CA ASP C 96 -5.25 30.36 -13.97
C ASP C 96 -4.58 29.08 -13.37
N ILE C 97 -4.96 27.90 -13.81
CA ILE C 97 -4.32 26.64 -13.30
C ILE C 97 -3.19 26.06 -14.16
N THR C 98 -2.88 26.74 -15.26
CA THR C 98 -1.84 26.28 -16.12
C THR C 98 -0.50 26.23 -15.43
N ASP C 99 0.14 25.07 -15.54
CA ASP C 99 1.40 24.82 -14.83
C ASP C 99 1.30 24.88 -13.32
N GLN C 100 0.09 24.80 -12.77
CA GLN C 100 -0.11 24.76 -11.34
C GLN C 100 -0.50 23.34 -10.95
N LYS C 101 -0.27 23.02 -9.67
CA LYS C 101 -0.79 21.76 -9.09
C LYS C 101 -2.18 21.96 -8.64
N VAL C 102 -3.07 21.05 -9.01
CA VAL C 102 -4.41 21.08 -8.52
C VAL C 102 -4.73 19.85 -7.69
N ILE C 103 -5.42 20.04 -6.55
CA ILE C 103 -5.87 18.95 -5.77
C ILE C 103 -7.38 18.91 -5.75
N LEU C 104 -7.93 17.86 -6.34
CA LEU C 104 -9.38 17.65 -6.25
C LEU C 104 -9.73 17.09 -4.87
N VAL C 105 -10.83 17.55 -4.32
CA VAL C 105 -11.23 17.12 -2.98
C VAL C 105 -12.65 16.66 -3.01
N ASP C 106 -12.89 15.46 -2.50
CA ASP C 106 -14.29 14.96 -2.40
C ASP C 106 -14.54 14.23 -1.07
N ASP C 107 -15.79 14.04 -0.71
CA ASP C 107 -16.12 13.25 0.50
C ASP C 107 -15.90 11.76 0.38
N VAL C 108 -16.33 11.14 -0.68
CA VAL C 108 -16.26 9.68 -0.84
C VAL C 108 -15.81 9.30 -2.23
N LEU C 109 -14.81 8.44 -2.29
CA LEU C 109 -14.42 7.83 -3.54
C LEU C 109 -15.03 6.41 -3.61
N TYR C 110 -15.66 6.09 -4.73
CA TYR C 110 -16.35 4.82 -4.92
C TYR C 110 -15.96 4.25 -6.23
N THR C 111 -16.76 4.43 -7.30
CA THR C 111 -16.37 3.92 -8.61
C THR C 111 -15.23 4.69 -9.26
N GLY C 112 -15.04 5.95 -8.86
CA GLY C 112 -14.06 6.80 -9.50
C GLY C 112 -14.60 7.63 -10.65
N ARG C 113 -15.84 7.39 -11.01
CA ARG C 113 -16.36 8.07 -12.25
C ARG C 113 -16.57 9.55 -12.05
N THR C 114 -16.96 9.97 -10.85
CA THR C 114 -17.05 11.38 -10.56
C THR C 114 -15.72 12.10 -10.69
N VAL C 115 -14.65 11.53 -10.09
CA VAL C 115 -13.37 12.10 -10.23
C VAL C 115 -12.88 12.13 -11.68
N ARG C 116 -13.19 11.12 -12.46
CA ARG C 116 -12.71 11.11 -13.82
C ARG C 116 -13.34 12.29 -14.53
N ALA C 117 -14.61 12.54 -14.26
CA ALA C 117 -15.31 13.67 -14.94
C ALA C 117 -14.68 14.99 -14.52
N GLY C 118 -14.40 15.13 -13.27
CA GLY C 118 -13.74 16.31 -12.76
C GLY C 118 -12.37 16.52 -13.31
N MET C 119 -11.60 15.44 -13.38
CA MET C 119 -10.26 15.47 -13.98
C MET C 119 -10.34 15.93 -15.42
N ASP C 120 -11.29 15.36 -16.16
CA ASP C 120 -11.45 15.68 -17.59
C ASP C 120 -11.78 17.07 -17.77
N ALA C 121 -12.61 17.60 -16.90
CA ALA C 121 -12.88 19.03 -16.89
C ALA C 121 -11.70 19.95 -16.63
N LEU C 122 -10.86 19.62 -15.67
CA LEU C 122 -9.63 20.38 -15.50
C LEU C 122 -8.65 20.18 -16.71
N VAL C 123 -8.31 18.94 -17.04
CA VAL C 123 -7.19 18.64 -17.96
C VAL C 123 -7.45 19.20 -19.29
N ASP C 124 -8.70 19.19 -19.69
CA ASP C 124 -9.08 19.82 -20.92
C ASP C 124 -8.98 21.34 -20.90
N VAL C 125 -9.31 22.00 -19.81
CA VAL C 125 -9.51 23.51 -19.81
C VAL C 125 -8.41 24.36 -19.12
N GLY C 126 -7.34 23.69 -18.76
CA GLY C 126 -6.20 24.40 -18.20
C GLY C 126 -5.22 23.31 -18.39
N ARG C 127 -3.94 23.59 -18.26
CA ARG C 127 -3.00 22.49 -18.38
C ARG C 127 -2.26 22.44 -17.06
N PRO C 128 -2.93 21.93 -16.00
CA PRO C 128 -2.16 21.92 -14.74
C PRO C 128 -0.89 21.06 -14.87
N SER C 129 0.09 21.34 -14.07
CA SER C 129 1.26 20.50 -14.08
C SER C 129 0.95 19.11 -13.45
N SER C 130 0.03 19.05 -12.48
CA SER C 130 -0.47 17.79 -11.99
C SER C 130 -1.75 17.93 -11.30
N ILE C 131 -2.44 16.83 -11.19
CA ILE C 131 -3.71 16.74 -10.50
C ILE C 131 -3.63 15.60 -9.47
N GLN C 132 -3.99 15.92 -8.25
CA GLN C 132 -3.99 15.00 -7.16
C GLN C 132 -5.44 14.88 -6.68
N LEU C 133 -5.70 13.89 -5.81
CA LEU C 133 -7.00 13.72 -5.24
C LEU C 133 -6.92 13.44 -3.73
N ALA C 134 -7.72 14.16 -2.98
CA ALA C 134 -7.92 13.94 -1.54
C ALA C 134 -9.36 13.60 -1.29
N VAL C 135 -9.58 12.54 -0.52
CA VAL C 135 -10.91 12.19 -0.08
C VAL C 135 -11.00 11.88 1.38
N LEU C 136 -12.13 12.18 1.97
CA LEU C 136 -12.34 11.79 3.40
C LEU C 136 -12.46 10.25 3.51
N VAL C 137 -13.16 9.59 2.60
CA VAL C 137 -13.36 8.10 2.62
C VAL C 137 -13.16 7.50 1.27
N ASP C 138 -12.39 6.43 1.19
CA ASP C 138 -12.33 5.55 0.08
C ASP C 138 -13.14 4.27 0.42
N ARG C 139 -14.24 4.05 -0.29
CA ARG C 139 -15.11 2.89 0.01
C ARG C 139 -14.93 1.72 -0.88
N GLY C 140 -13.91 1.76 -1.71
CA GLY C 140 -13.62 0.68 -2.64
C GLY C 140 -14.58 0.56 -3.83
N HIS C 141 -14.53 -0.59 -4.49
CA HIS C 141 -15.33 -0.90 -5.66
C HIS C 141 -15.05 0.04 -6.83
N ARG C 142 -13.77 0.35 -7.08
CA ARG C 142 -13.43 1.21 -8.18
C ARG C 142 -13.75 0.55 -9.57
N GLU C 143 -14.13 1.34 -10.54
CA GLU C 143 -14.46 0.89 -11.86
C GLU C 143 -13.61 1.50 -12.88
N LEU C 144 -12.60 2.25 -12.41
CA LEU C 144 -11.62 2.91 -13.22
C LEU C 144 -10.31 2.86 -12.43
N PRO C 145 -9.15 2.97 -13.11
CA PRO C 145 -7.86 2.89 -12.39
C PRO C 145 -7.43 4.20 -11.71
N ILE C 146 -8.28 4.63 -10.83
CA ILE C 146 -8.15 5.95 -10.19
C ILE C 146 -7.92 5.70 -8.70
N ARG C 147 -6.98 6.42 -8.09
CA ARG C 147 -6.76 6.29 -6.65
C ARG C 147 -6.61 7.67 -6.02
N ALA C 148 -6.96 7.76 -4.77
CA ALA C 148 -6.75 9.01 -4.02
C ALA C 148 -5.32 9.08 -3.51
N ASP C 149 -4.73 10.25 -3.57
CA ASP C 149 -3.39 10.47 -3.02
C ASP C 149 -3.47 10.65 -1.53
N TYR C 150 -4.56 11.22 -1.05
CA TYR C 150 -4.76 11.52 0.37
C TYR C 150 -6.07 10.94 0.76
N ILE C 151 -6.11 10.20 1.88
CA ILE C 151 -7.32 9.50 2.27
C ILE C 151 -7.51 9.61 3.73
N GLY C 152 -8.66 10.01 4.14
CA GLY C 152 -8.98 10.12 5.52
C GLY C 152 -9.09 8.73 6.15
N LYS C 153 -9.87 7.86 5.54
CA LYS C 153 -10.05 6.47 6.01
C LYS C 153 -10.42 5.50 4.88
N ASN C 154 -9.66 4.43 4.76
CA ASN C 154 -9.83 3.47 3.72
C ASN C 154 -10.83 2.44 4.18
N ILE C 155 -12.03 2.40 3.57
CA ILE C 155 -13.19 1.65 4.10
C ILE C 155 -13.86 0.67 3.06
N PRO C 156 -13.24 -0.48 2.74
CA PRO C 156 -13.89 -1.35 1.71
C PRO C 156 -15.33 -1.68 2.12
N THR C 157 -16.24 -1.70 1.15
CA THR C 157 -17.67 -1.94 1.47
C THR C 157 -18.30 -2.86 0.45
N SER C 158 -19.47 -3.35 0.76
CA SER C 158 -20.20 -4.15 -0.24
C SER C 158 -21.03 -3.17 -1.05
N LYS C 159 -21.36 -3.58 -2.26
CA LYS C 159 -22.22 -2.76 -3.10
C LYS C 159 -23.56 -2.48 -2.43
N SER C 160 -24.00 -3.35 -1.50
CA SER C 160 -25.30 -3.17 -0.89
C SER C 160 -25.30 -2.28 0.37
N GLU C 161 -24.17 -1.67 0.72
CA GLU C 161 -24.18 -0.63 1.81
C GLU C 161 -23.86 0.76 1.17
N LYS C 162 -24.19 1.81 1.92
CA LYS C 162 -23.89 3.21 1.52
C LYS C 162 -23.13 3.87 2.64
N VAL C 163 -22.29 4.84 2.32
CA VAL C 163 -21.56 5.60 3.32
C VAL C 163 -22.28 6.93 3.51
N MET C 164 -22.71 7.23 4.73
CA MET C 164 -23.28 8.54 5.01
C MET C 164 -22.18 9.46 5.51
N VAL C 165 -21.93 10.58 4.81
CA VAL C 165 -21.03 11.62 5.30
C VAL C 165 -21.84 12.83 5.74
N GLN C 166 -21.74 13.21 6.99
CA GLN C 166 -22.37 14.39 7.49
C GLN C 166 -21.36 15.42 7.86
N LEU C 167 -21.59 16.63 7.39
CA LEU C 167 -20.70 17.71 7.70
C LEU C 167 -21.50 18.81 8.27
N ASP C 168 -20.90 19.43 9.26
CA ASP C 168 -21.53 20.43 10.07
C ASP C 168 -22.12 21.57 9.28
N GLU C 169 -21.43 21.98 8.23
CA GLU C 169 -21.82 23.17 7.48
C GLU C 169 -23.20 22.89 6.84
N VAL C 170 -23.43 21.65 6.47
CA VAL C 170 -24.59 21.26 5.71
C VAL C 170 -25.59 20.53 6.62
N ASP C 171 -25.08 19.55 7.36
CA ASP C 171 -25.88 18.59 8.06
C ASP C 171 -25.99 18.91 9.51
N GLN C 172 -25.33 19.94 9.99
CA GLN C 172 -25.33 20.25 11.42
C GLN C 172 -24.79 19.13 12.34
N ASN C 173 -24.00 18.24 11.75
CA ASN C 173 -23.28 17.22 12.48
C ASN C 173 -22.09 16.70 11.66
N ASP C 174 -21.00 16.35 12.30
CA ASP C 174 -19.89 15.77 11.60
C ASP C 174 -19.81 14.28 11.90
N LEU C 175 -19.93 13.45 10.88
CA LEU C 175 -19.92 12.01 11.09
C LEU C 175 -19.74 11.28 9.81
N VAL C 176 -19.07 10.15 9.85
CA VAL C 176 -19.07 9.23 8.76
C VAL C 176 -19.55 7.85 9.26
N ALA C 177 -20.55 7.31 8.58
CA ALA C 177 -21.13 6.02 9.00
C ALA C 177 -21.55 5.18 7.84
N ILE C 178 -21.62 3.87 8.05
CA ILE C 178 -22.08 2.94 7.03
C ILE C 178 -23.54 2.57 7.28
N TYR C 179 -24.29 2.43 6.19
CA TYR C 179 -25.71 2.09 6.24
C TYR C 179 -26.03 0.97 5.28
N GLU C 180 -26.88 0.00 5.67
CA GLU C 180 -27.39 -1.00 4.69
C GLU C 180 -28.43 -0.30 3.83
N ASN C 181 -28.21 -0.29 2.49
CA ASN C 181 -29.16 0.28 1.51
C ASN C 181 -29.15 -0.50 0.19
N GLN D 4 25.85 2.12 -20.24
CA GLN D 4 25.54 1.31 -19.02
C GLN D 4 24.03 1.38 -18.65
N LYS D 5 23.59 0.35 -17.95
CA LYS D 5 22.19 0.21 -17.57
C LYS D 5 22.14 -0.95 -16.60
N ALA D 6 21.34 -0.79 -15.56
CA ALA D 6 21.15 -1.86 -14.59
C ALA D 6 19.97 -2.75 -15.07
N VAL D 7 20.22 -4.03 -15.27
CA VAL D 7 19.17 -4.95 -15.64
C VAL D 7 18.34 -5.25 -14.41
N ILE D 8 17.02 -5.03 -14.51
CA ILE D 8 16.13 -5.27 -13.37
C ILE D 8 15.41 -6.60 -13.56
N LEU D 9 14.91 -6.90 -14.74
CA LEU D 9 14.24 -8.16 -14.98
C LEU D 9 14.85 -8.79 -16.24
N ASP D 10 15.15 -10.09 -16.17
CA ASP D 10 15.58 -10.87 -17.31
C ASP D 10 14.41 -11.64 -17.79
N GLU D 11 14.63 -12.43 -18.82
CA GLU D 11 13.55 -13.12 -19.48
C GLU D 11 12.70 -13.95 -18.52
N GLN D 12 13.35 -14.60 -17.57
CA GLN D 12 12.65 -15.50 -16.66
C GLN D 12 11.78 -14.70 -15.69
N ALA D 13 12.33 -13.59 -15.16
CA ALA D 13 11.62 -12.76 -14.27
C ALA D 13 10.38 -12.09 -14.95
N ILE D 14 10.51 -11.77 -16.23
CA ILE D 14 9.36 -11.27 -16.97
C ILE D 14 8.28 -12.33 -17.09
N ARG D 15 8.68 -13.53 -17.46
CA ARG D 15 7.73 -14.59 -17.59
C ARG D 15 7.00 -14.87 -16.27
N ARG D 16 7.72 -14.87 -15.16
CA ARG D 16 7.06 -15.16 -13.89
C ARG D 16 6.11 -14.03 -13.46
N ALA D 17 6.48 -12.78 -13.75
CA ALA D 17 5.62 -11.63 -13.39
C ALA D 17 4.33 -11.69 -14.21
N LEU D 18 4.43 -12.02 -15.50
CA LEU D 18 3.24 -12.08 -16.36
C LEU D 18 2.35 -13.23 -15.98
N THR D 19 2.96 -14.35 -15.59
CA THR D 19 2.20 -15.52 -15.18
C THR D 19 1.43 -15.23 -13.91
N ARG D 20 2.09 -14.58 -12.95
CA ARG D 20 1.42 -14.17 -11.71
C ARG D 20 0.26 -13.19 -12.05
N ILE D 21 0.52 -12.26 -12.94
CA ILE D 21 -0.47 -11.24 -13.31
C ILE D 21 -1.72 -11.91 -13.89
N ALA D 22 -1.51 -12.90 -14.76
CA ALA D 22 -2.63 -13.69 -15.28
C ALA D 22 -3.49 -14.29 -14.22
N HIS D 23 -2.87 -14.86 -13.16
CA HIS D 23 -3.61 -15.47 -12.08
C HIS D 23 -4.28 -14.42 -11.19
N GLU D 24 -3.68 -13.24 -11.07
CA GLU D 24 -4.34 -12.13 -10.39
C GLU D 24 -5.62 -11.69 -11.14
N MET D 25 -5.52 -11.66 -12.47
CA MET D 25 -6.66 -11.22 -13.26
C MET D 25 -7.80 -12.18 -13.08
N ILE D 26 -7.51 -13.46 -13.13
CA ILE D 26 -8.50 -14.50 -12.97
C ILE D 26 -9.13 -14.43 -11.58
N GLU D 27 -8.30 -14.17 -10.59
CA GLU D 27 -8.79 -14.01 -9.25
C GLU D 27 -9.73 -12.80 -9.03
N ARG D 28 -9.32 -11.64 -9.45
CA ARG D 28 -10.05 -10.40 -9.18
C ARG D 28 -11.32 -10.23 -10.04
N ASN D 29 -11.31 -10.83 -11.21
CA ASN D 29 -12.47 -10.80 -12.11
C ASN D 29 -13.31 -12.02 -11.96
N LYS D 30 -12.92 -12.91 -11.04
CA LYS D 30 -13.60 -14.18 -10.82
C LYS D 30 -13.82 -14.99 -12.08
N GLY D 31 -12.73 -15.31 -12.76
CA GLY D 31 -12.76 -15.88 -14.08
C GLY D 31 -12.67 -14.73 -15.06
N MET D 32 -12.21 -15.00 -16.27
CA MET D 32 -12.07 -13.91 -17.24
C MET D 32 -13.23 -13.82 -18.26
N ASN D 33 -14.36 -14.42 -17.93
CA ASN D 33 -15.56 -14.26 -18.77
C ASN D 33 -15.95 -12.79 -18.87
N ASN D 34 -16.33 -12.33 -20.04
CA ASN D 34 -16.75 -10.93 -20.21
C ASN D 34 -15.65 -9.88 -19.92
N CYS D 35 -14.41 -10.28 -20.12
CA CYS D 35 -13.25 -9.39 -20.00
C CYS D 35 -12.51 -9.33 -21.26
N ILE D 36 -12.13 -8.12 -21.65
CA ILE D 36 -11.29 -7.92 -22.80
C ILE D 36 -9.98 -7.26 -22.39
N LEU D 37 -8.88 -7.68 -22.98
CA LEU D 37 -7.62 -6.99 -22.81
C LEU D 37 -7.42 -6.05 -23.96
N VAL D 38 -6.99 -4.82 -23.67
CA VAL D 38 -6.63 -3.87 -24.68
C VAL D 38 -5.26 -3.33 -24.48
N GLY D 39 -4.35 -3.68 -25.37
CA GLY D 39 -3.01 -3.22 -25.31
C GLY D 39 -2.76 -1.84 -25.87
N ILE D 40 -1.89 -1.09 -25.21
CA ILE D 40 -1.51 0.25 -25.67
C ILE D 40 -0.23 0.21 -26.41
N LYS D 41 -0.25 0.69 -27.65
CA LYS D 41 0.93 0.89 -28.47
C LYS D 41 1.51 -0.43 -28.71
N THR D 42 2.71 -0.44 -29.27
CA THR D 42 3.25 -1.71 -29.69
C THR D 42 3.50 -2.67 -28.53
N ARG D 43 4.27 -2.24 -27.54
CA ARG D 43 4.69 -3.19 -26.50
C ARG D 43 3.56 -3.63 -25.62
N GLY D 44 2.62 -2.72 -25.31
CA GLY D 44 1.44 -3.08 -24.62
C GLY D 44 0.64 -4.16 -25.29
N ILE D 45 0.55 -4.12 -26.61
CA ILE D 45 -0.25 -5.11 -27.35
C ILE D 45 0.40 -6.49 -27.23
N TYR D 46 1.71 -6.52 -27.37
CA TYR D 46 2.42 -7.82 -27.21
C TYR D 46 2.30 -8.39 -25.79
N LEU D 47 2.33 -7.51 -24.79
CA LEU D 47 2.05 -7.95 -23.44
C LEU D 47 0.65 -8.47 -23.30
N ALA D 48 -0.31 -7.79 -23.92
CA ALA D 48 -1.67 -8.20 -23.83
C ALA D 48 -1.85 -9.57 -24.44
N LYS D 49 -1.19 -9.78 -25.58
CA LYS D 49 -1.29 -11.11 -26.24
C LYS D 49 -0.68 -12.20 -25.39
N ARG D 50 0.44 -11.91 -24.74
CA ARG D 50 1.05 -12.90 -23.83
C ARG D 50 0.13 -13.24 -22.67
N LEU D 51 -0.47 -12.23 -22.07
CA LEU D 51 -1.43 -12.47 -21.03
C LEU D 51 -2.65 -13.30 -21.51
N ALA D 52 -3.17 -12.98 -22.69
CA ALA D 52 -4.34 -13.65 -23.20
C ALA D 52 -4.02 -15.12 -23.42
N GLU D 53 -2.87 -15.42 -23.97
CA GLU D 53 -2.49 -16.83 -24.21
C GLU D 53 -2.42 -17.57 -22.87
N ARG D 54 -1.82 -16.91 -21.87
CA ARG D 54 -1.72 -17.53 -20.54
C ARG D 54 -3.09 -17.79 -19.94
N ILE D 55 -3.97 -16.79 -20.00
CA ILE D 55 -5.30 -16.96 -19.47
C ILE D 55 -6.05 -18.11 -20.19
N GLU D 56 -5.92 -18.22 -21.51
CA GLU D 56 -6.56 -19.31 -22.30
C GLU D 56 -6.11 -20.66 -21.84
N GLN D 57 -4.82 -20.76 -21.57
CA GLN D 57 -4.25 -21.96 -21.05
C GLN D 57 -4.77 -22.30 -19.66
N ILE D 58 -4.95 -21.31 -18.80
CA ILE D 58 -5.43 -21.57 -17.45
C ILE D 58 -6.92 -21.91 -17.40
N GLU D 59 -7.76 -21.18 -18.13
CA GLU D 59 -9.19 -21.30 -18.00
C GLU D 59 -9.82 -22.05 -19.13
N GLY D 60 -9.13 -22.19 -20.25
CA GLY D 60 -9.65 -22.90 -21.41
C GLY D 60 -10.55 -22.11 -22.37
N ASN D 61 -10.78 -20.83 -22.12
CA ASN D 61 -11.58 -20.01 -23.01
C ASN D 61 -10.72 -18.91 -23.54
N PRO D 62 -10.91 -18.57 -24.82
CA PRO D 62 -10.11 -17.48 -25.38
C PRO D 62 -10.44 -16.12 -24.77
N VAL D 63 -9.47 -15.22 -24.75
CA VAL D 63 -9.68 -13.86 -24.28
C VAL D 63 -9.48 -12.94 -25.46
N THR D 64 -10.43 -12.03 -25.65
CA THR D 64 -10.31 -11.12 -26.78
C THR D 64 -9.24 -10.06 -26.48
N VAL D 65 -8.42 -9.73 -27.47
CA VAL D 65 -7.43 -8.70 -27.36
C VAL D 65 -7.67 -7.56 -28.38
N GLY D 66 -7.80 -6.33 -27.89
CA GLY D 66 -7.87 -5.17 -28.75
C GLY D 66 -6.63 -4.34 -28.61
N GLU D 67 -6.57 -3.28 -29.40
CA GLU D 67 -5.39 -2.42 -29.50
C GLU D 67 -5.81 -0.96 -29.47
N ILE D 68 -5.02 -0.14 -28.78
CA ILE D 68 -5.12 1.31 -28.87
C ILE D 68 -3.79 1.93 -29.20
N ASP D 69 -3.78 2.84 -30.18
CA ASP D 69 -2.55 3.51 -30.54
C ASP D 69 -2.53 4.91 -30.02
N ILE D 70 -1.44 5.29 -29.42
CA ILE D 70 -1.38 6.58 -28.77
C ILE D 70 -0.09 7.21 -29.13
N THR D 71 -0.10 8.48 -29.47
CA THR D 71 1.12 9.14 -29.89
C THR D 71 1.29 10.45 -29.16
N LEU D 72 2.53 10.83 -28.93
CA LEU D 72 2.82 12.08 -28.28
C LEU D 72 2.74 13.24 -29.26
N TYR D 73 1.92 14.23 -28.91
CA TYR D 73 1.87 15.49 -29.63
C TYR D 73 2.59 16.54 -28.82
N ARG D 74 3.28 17.45 -29.49
CA ARG D 74 4.06 18.49 -28.80
C ARG D 74 3.65 19.88 -29.28
N ASP D 75 3.79 20.87 -28.41
CA ASP D 75 3.68 22.30 -28.75
C ASP D 75 4.42 22.71 -30.06
N ASP D 76 5.76 22.65 -30.15
CA ASP D 76 6.66 22.71 -29.00
C ASP D 76 6.61 24.16 -28.50
N LEU D 77 6.37 25.12 -29.42
CA LEU D 77 6.05 26.47 -29.00
C LEU D 77 7.36 27.11 -28.54
N SER D 82 7.54 22.30 -21.65
CA SER D 82 6.39 22.18 -22.52
C SER D 82 5.69 20.88 -22.20
N ASN D 83 4.38 20.94 -22.05
CA ASN D 83 3.60 19.77 -21.74
C ASN D 83 3.28 19.06 -23.04
N ASP D 84 3.94 17.94 -23.29
CA ASP D 84 3.53 17.05 -24.36
C ASP D 84 2.20 16.40 -24.00
N GLU D 85 1.42 16.05 -25.00
CA GLU D 85 0.14 15.41 -24.77
C GLU D 85 -0.02 14.16 -25.62
N PRO D 86 -0.27 13.02 -24.99
CA PRO D 86 -0.59 11.84 -25.72
C PRO D 86 -2.01 11.85 -26.18
N LEU D 87 -2.22 11.48 -27.44
CA LEU D 87 -3.52 11.51 -28.05
C LEU D 87 -3.72 10.20 -28.76
N VAL D 88 -4.95 9.73 -28.75
CA VAL D 88 -5.28 8.47 -29.40
C VAL D 88 -5.29 8.63 -30.91
N LYS D 89 -4.60 7.74 -31.62
CA LYS D 89 -4.47 7.80 -33.05
C LYS D 89 -5.33 6.72 -33.68
N GLY D 90 -5.76 5.75 -32.90
CA GLY D 90 -6.58 4.69 -33.46
C GLY D 90 -6.89 3.67 -32.38
N ALA D 91 -7.97 2.96 -32.56
CA ALA D 91 -8.30 1.85 -31.72
C ALA D 91 -8.83 0.74 -32.59
N ASP D 92 -8.51 -0.50 -32.24
CA ASP D 92 -9.05 -1.65 -32.94
C ASP D 92 -9.49 -2.63 -31.93
N ILE D 93 -10.78 -2.60 -31.65
CA ILE D 93 -11.34 -3.50 -30.63
C ILE D 93 -12.38 -4.39 -31.29
N PRO D 94 -12.11 -5.71 -31.41
CA PRO D 94 -12.97 -6.49 -32.29
C PRO D 94 -14.32 -6.93 -31.73
N VAL D 95 -14.69 -6.54 -30.52
CA VAL D 95 -15.99 -6.83 -29.97
C VAL D 95 -16.57 -5.65 -29.25
N ASP D 96 -17.87 -5.72 -28.97
CA ASP D 96 -18.58 -4.68 -28.25
C ASP D 96 -18.08 -4.69 -26.78
N ILE D 97 -17.69 -3.55 -26.24
CA ILE D 97 -17.21 -3.50 -24.85
C ILE D 97 -18.27 -3.09 -23.81
N THR D 98 -19.44 -2.72 -24.29
CA THR D 98 -20.44 -2.22 -23.43
C THR D 98 -20.81 -3.23 -22.39
N ASP D 99 -20.88 -2.76 -21.18
CA ASP D 99 -21.14 -3.65 -20.05
C ASP D 99 -20.14 -4.82 -19.97
N GLN D 100 -18.94 -4.67 -20.54
CA GLN D 100 -17.85 -5.61 -20.36
C GLN D 100 -16.71 -5.00 -19.53
N LYS D 101 -15.90 -5.84 -18.91
CA LYS D 101 -14.71 -5.35 -18.19
C LYS D 101 -13.57 -5.25 -19.18
N VAL D 102 -12.92 -4.09 -19.26
CA VAL D 102 -11.84 -3.89 -20.13
C VAL D 102 -10.55 -3.73 -19.26
N ILE D 103 -9.48 -4.45 -19.63
CA ILE D 103 -8.17 -4.26 -18.96
C ILE D 103 -7.21 -3.67 -19.94
N LEU D 104 -6.84 -2.40 -19.71
CA LEU D 104 -5.79 -1.83 -20.45
C LEU D 104 -4.46 -2.45 -20.04
N VAL D 105 -3.59 -2.60 -20.99
CA VAL D 105 -2.26 -3.13 -20.78
C VAL D 105 -1.18 -2.28 -21.43
N ASP D 106 -0.17 -1.94 -20.64
CA ASP D 106 0.95 -1.21 -21.12
C ASP D 106 2.29 -1.71 -20.51
N ASP D 107 3.40 -1.33 -21.14
CA ASP D 107 4.69 -1.70 -20.60
C ASP D 107 5.09 -0.92 -19.37
N VAL D 108 4.95 0.38 -19.40
CA VAL D 108 5.45 1.25 -18.31
C VAL D 108 4.41 2.29 -17.96
N LEU D 109 4.16 2.43 -16.67
CA LEU D 109 3.42 3.54 -16.10
C LEU D 109 4.35 4.59 -15.51
N TYR D 110 4.21 5.85 -15.94
CA TYR D 110 5.04 6.93 -15.46
C TYR D 110 4.12 8.05 -14.97
N THR D 111 3.85 9.07 -15.81
CA THR D 111 2.93 10.15 -15.38
C THR D 111 1.49 9.74 -15.27
N GLY D 112 1.12 8.72 -15.99
CA GLY D 112 -0.28 8.38 -16.10
C GLY D 112 -1.02 9.04 -17.30
N ARG D 113 -0.39 9.95 -18.00
CA ARG D 113 -1.16 10.71 -19.07
C ARG D 113 -1.53 9.85 -20.23
N THR D 114 -0.70 8.84 -20.57
CA THR D 114 -1.08 7.94 -21.65
C THR D 114 -2.28 7.11 -21.33
N VAL D 115 -2.31 6.55 -20.13
CA VAL D 115 -3.45 5.77 -19.72
C VAL D 115 -4.72 6.62 -19.60
N ARG D 116 -4.58 7.88 -19.16
CA ARG D 116 -5.78 8.69 -19.05
C ARG D 116 -6.38 8.87 -20.47
N ALA D 117 -5.52 9.09 -21.43
CA ALA D 117 -6.01 9.22 -22.86
C ALA D 117 -6.68 7.95 -23.30
N GLY D 118 -6.08 6.80 -22.97
CA GLY D 118 -6.67 5.53 -23.32
C GLY D 118 -8.02 5.30 -22.65
N MET D 119 -8.07 5.61 -21.36
CA MET D 119 -9.27 5.48 -20.56
C MET D 119 -10.40 6.38 -21.09
N ASP D 120 -10.06 7.62 -21.36
CA ASP D 120 -11.03 8.59 -21.85
C ASP D 120 -11.59 8.14 -23.19
N ALA D 121 -10.77 7.58 -24.05
CA ALA D 121 -11.20 7.06 -25.33
C ALA D 121 -12.18 5.96 -25.17
N LEU D 122 -11.86 4.95 -24.35
CA LEU D 122 -12.74 3.84 -24.13
C LEU D 122 -14.04 4.34 -23.55
N VAL D 123 -14.00 5.19 -22.50
CA VAL D 123 -15.24 5.59 -21.81
C VAL D 123 -16.13 6.40 -22.74
N ASP D 124 -15.54 7.19 -23.58
CA ASP D 124 -16.27 7.93 -24.56
C ASP D 124 -16.95 7.02 -25.59
N VAL D 125 -16.29 6.00 -26.12
CA VAL D 125 -16.85 5.26 -27.26
C VAL D 125 -17.69 4.05 -26.89
N GLY D 126 -17.71 3.66 -25.62
CA GLY D 126 -18.37 2.38 -25.19
C GLY D 126 -18.76 2.62 -23.74
N ARG D 127 -19.49 1.72 -23.14
CA ARG D 127 -19.83 1.89 -21.76
C ARG D 127 -19.31 0.66 -21.07
N PRO D 128 -17.98 0.47 -20.97
CA PRO D 128 -17.58 -0.75 -20.24
C PRO D 128 -18.06 -0.73 -18.80
N SER D 129 -18.28 -1.89 -18.22
CA SER D 129 -18.70 -1.90 -16.82
C SER D 129 -17.52 -1.49 -15.90
N SER D 130 -16.30 -1.79 -16.31
CA SER D 130 -15.12 -1.26 -15.63
C SER D 130 -13.91 -1.31 -16.45
N ILE D 131 -12.96 -0.46 -16.11
CA ILE D 131 -11.70 -0.39 -16.78
C ILE D 131 -10.60 -0.59 -15.70
N GLN D 132 -9.72 -1.53 -15.96
CA GLN D 132 -8.57 -1.85 -15.10
C GLN D 132 -7.32 -1.64 -15.89
N LEU D 133 -6.18 -1.62 -15.20
CA LEU D 133 -4.94 -1.36 -15.85
C LEU D 133 -3.86 -2.35 -15.34
N ALA D 134 -3.17 -2.95 -16.27
CA ALA D 134 -2.02 -3.81 -16.01
C ALA D 134 -0.80 -3.26 -16.70
N VAL D 135 0.29 -3.13 -15.93
CA VAL D 135 1.53 -2.73 -16.47
C VAL D 135 2.67 -3.66 -16.05
N LEU D 136 3.66 -3.80 -16.90
CA LEU D 136 4.84 -4.56 -16.56
C LEU D 136 5.64 -3.79 -15.53
N VAL D 137 5.80 -2.49 -15.71
CA VAL D 137 6.57 -1.67 -14.77
C VAL D 137 5.81 -0.43 -14.35
N ASP D 138 5.81 -0.14 -13.08
CA ASP D 138 5.43 1.14 -12.56
C ASP D 138 6.69 1.86 -12.12
N ARG D 139 7.03 2.95 -12.80
CA ARG D 139 8.25 3.69 -12.47
C ARG D 139 8.09 4.90 -11.58
N GLY D 140 6.89 5.07 -11.04
CA GLY D 140 6.52 6.22 -10.19
C GLY D 140 6.29 7.53 -10.90
N HIS D 141 6.25 8.61 -10.10
CA HIS D 141 6.17 10.00 -10.60
C HIS D 141 4.88 10.33 -11.31
N ARG D 142 3.81 9.81 -10.80
CA ARG D 142 2.49 10.08 -11.36
C ARG D 142 2.19 11.58 -11.33
N GLU D 143 1.46 12.08 -12.32
CA GLU D 143 0.99 13.46 -12.36
C GLU D 143 -0.50 13.56 -12.42
N LEU D 144 -1.16 12.42 -12.27
CA LEU D 144 -2.61 12.31 -12.25
C LEU D 144 -2.93 11.24 -11.19
N PRO D 145 -4.16 11.16 -10.70
CA PRO D 145 -4.51 10.12 -9.71
C PRO D 145 -4.89 8.76 -10.28
N ILE D 146 -3.95 8.20 -10.97
CA ILE D 146 -4.12 7.01 -11.73
C ILE D 146 -3.21 5.96 -11.11
N ARG D 147 -3.70 4.75 -10.95
CA ARG D 147 -2.82 3.66 -10.50
C ARG D 147 -3.08 2.40 -11.32
N ALA D 148 -2.06 1.58 -11.47
CA ALA D 148 -2.23 0.25 -12.07
C ALA D 148 -2.87 -0.70 -11.06
N ASP D 149 -3.82 -1.50 -11.50
CA ASP D 149 -4.36 -2.56 -10.70
C ASP D 149 -3.41 -3.78 -10.61
N TYR D 150 -2.66 -4.02 -11.66
CA TYR D 150 -1.74 -5.13 -11.76
C TYR D 150 -0.40 -4.56 -12.13
N ILE D 151 0.66 -4.94 -11.41
CA ILE D 151 1.99 -4.43 -11.65
C ILE D 151 3.04 -5.51 -11.60
N GLY D 152 3.81 -5.60 -12.66
CA GLY D 152 4.87 -6.59 -12.75
C GLY D 152 5.96 -6.29 -11.75
N LYS D 153 6.44 -5.05 -11.79
CA LYS D 153 7.47 -4.64 -10.92
C LYS D 153 7.39 -3.15 -10.67
N ASN D 154 7.48 -2.77 -9.42
CA ASN D 154 7.74 -1.39 -9.08
C ASN D 154 9.20 -1.03 -9.21
N ILE D 155 9.54 -0.12 -10.08
CA ILE D 155 10.91 0.25 -10.29
C ILE D 155 11.15 1.71 -9.95
N PRO D 156 11.71 1.97 -8.78
CA PRO D 156 11.99 3.37 -8.41
C PRO D 156 12.93 4.05 -9.37
N THR D 157 12.62 5.27 -9.74
CA THR D 157 13.47 5.96 -10.69
C THR D 157 13.63 7.41 -10.31
N SER D 158 14.64 8.02 -10.90
CA SER D 158 14.74 9.46 -10.90
C SER D 158 14.24 10.01 -12.24
N LYS D 159 13.92 11.30 -12.30
CA LYS D 159 13.37 11.89 -13.51
C LYS D 159 14.31 11.87 -14.70
N SER D 160 15.60 11.89 -14.45
CA SER D 160 16.56 11.81 -15.52
C SER D 160 16.80 10.37 -16.01
N GLU D 161 16.17 9.39 -15.38
CA GLU D 161 16.35 8.00 -15.78
C GLU D 161 15.19 7.61 -16.67
N LYS D 162 15.41 6.56 -17.43
CA LYS D 162 14.46 6.00 -18.34
C LYS D 162 14.45 4.47 -18.15
N VAL D 163 13.31 3.82 -18.35
CA VAL D 163 13.25 2.36 -18.29
C VAL D 163 13.22 1.79 -19.69
N MET D 164 14.12 0.91 -20.02
CA MET D 164 14.09 0.24 -21.31
C MET D 164 13.36 -1.08 -21.13
N VAL D 165 12.27 -1.26 -21.87
CA VAL D 165 11.57 -2.54 -21.93
C VAL D 165 11.82 -3.16 -23.29
N GLN D 166 12.44 -4.33 -23.31
CA GLN D 166 12.62 -5.06 -24.53
C GLN D 166 11.73 -6.28 -24.51
N LEU D 167 11.06 -6.51 -25.61
CA LEU D 167 10.26 -7.67 -25.77
C LEU D 167 10.66 -8.38 -27.04
N ASP D 168 10.58 -9.69 -26.95
CA ASP D 168 11.01 -10.56 -27.95
C ASP D 168 10.43 -10.33 -29.33
N GLU D 169 9.17 -9.97 -29.35
CA GLU D 169 8.42 -9.77 -30.59
C GLU D 169 8.91 -8.50 -31.31
N VAL D 170 9.07 -7.45 -30.53
CA VAL D 170 9.52 -6.15 -30.97
C VAL D 170 11.01 -6.04 -31.03
N ASP D 171 11.70 -6.53 -30.00
CA ASP D 171 13.10 -6.22 -29.77
C ASP D 171 14.04 -7.40 -29.78
N GLN D 172 13.53 -8.62 -29.98
CA GLN D 172 14.41 -9.81 -29.98
C GLN D 172 15.15 -10.08 -28.65
N ASN D 173 14.63 -9.49 -27.58
CA ASN D 173 15.12 -9.81 -26.27
C ASN D 173 14.06 -9.52 -25.27
N ASP D 174 13.99 -10.33 -24.21
CA ASP D 174 13.07 -10.00 -23.14
C ASP D 174 13.92 -9.46 -22.04
N LEU D 175 13.71 -8.20 -21.68
CA LEU D 175 14.56 -7.56 -20.68
C LEU D 175 13.98 -6.24 -20.22
N VAL D 176 14.09 -5.94 -18.95
CA VAL D 176 13.75 -4.64 -18.42
C VAL D 176 14.99 -4.07 -17.75
N ALA D 177 15.39 -2.88 -18.14
CA ALA D 177 16.57 -2.26 -17.57
C ALA D 177 16.39 -0.80 -17.41
N ILE D 178 17.15 -0.25 -16.50
CA ILE D 178 17.11 1.17 -16.27
C ILE D 178 18.37 1.83 -16.85
N TYR D 179 18.21 3.00 -17.50
CA TYR D 179 19.34 3.72 -18.09
C TYR D 179 19.23 5.27 -17.96
N GLU D 180 20.36 5.91 -18.22
CA GLU D 180 20.41 7.35 -18.24
C GLU D 180 19.58 7.81 -19.46
N ASN D 181 19.35 9.10 -19.61
CA ASN D 181 18.63 9.57 -20.80
C ASN D 181 19.17 9.02 -22.14
P 5GP E . 18.07 -3.09 10.01
O1P 5GP E . 18.20 -3.63 11.36
O2P 5GP E . 18.67 -3.87 8.92
O3P 5GP E . 16.62 -2.67 9.82
O5' 5GP E . 18.95 -1.69 9.99
C5' 5GP E . 18.34 -0.61 10.73
C4' 5GP E . 19.39 -0.05 11.71
O4' 5GP E . 20.66 0.06 11.05
C3' 5GP E . 18.96 1.29 12.21
O3' 5GP E . 19.19 1.36 13.62
C2' 5GP E . 19.78 2.21 11.38
O2' 5GP E . 20.44 3.15 12.25
C1' 5GP E . 20.82 1.40 10.64
N9 5GP E . 20.72 1.48 9.19
C8 5GP E . 20.46 0.50 8.26
N7 5GP E . 20.62 1.02 7.01
C5 5GP E . 20.98 2.31 7.16
C6 5GP E . 21.29 3.43 6.23
O6 5GP E . 21.27 3.23 5.00
N1 5GP E . 21.72 4.55 6.79
C2 5GP E . 21.80 4.76 8.12
N2 5GP E . 22.19 6.00 8.53
N3 5GP E . 21.50 3.80 9.07
C4 5GP E . 21.09 2.58 8.59
C1 GOL F . 1.46 22.45 13.52
O1 GOL F . 2.16 22.87 12.36
C2 GOL F . 2.22 21.36 14.24
O2 GOL F . 1.19 20.49 14.53
C3 GOL F . 3.00 21.80 15.51
O3 GOL F . 3.96 20.80 15.89
P 5GP G . -3.23 -12.54 16.27
O1P 5GP G . -2.59 -12.07 14.89
O2P 5GP G . -4.06 -11.57 17.09
O3P 5GP G . -2.21 -13.41 17.00
O5' 5GP G . -4.34 -13.69 15.85
C5' 5GP G . -4.01 -14.57 14.81
C4' 5GP G . -4.27 -16.01 15.28
O4' 5GP G . -5.55 -16.16 15.96
C3' 5GP G . -4.31 -16.90 14.11
O3' 5GP G . -3.57 -18.12 14.38
C2' 5GP G . -5.79 -17.03 13.78
O2' 5GP G . -6.02 -18.39 13.54
C1' 5GP G . -6.53 -16.60 15.03
N9 5GP G . -7.40 -15.43 14.83
C8 5GP G . -7.36 -14.14 15.25
N7 5GP G . -8.44 -13.47 14.85
C5 5GP G . -9.14 -14.41 14.14
C6 5GP G . -10.36 -14.41 13.49
O6 5GP G . -10.85 -13.25 13.58
N1 5GP G . -10.77 -15.58 12.93
C2 5GP G . -10.05 -16.76 13.00
N2 5GP G . -10.38 -17.97 12.42
N3 5GP G . -8.91 -16.80 13.64
C4 5GP G . -8.49 -15.66 14.18
P 5GP H . -12.92 0.31 14.07
O1P 5GP H . -12.72 1.80 13.98
O2P 5GP H . -14.36 -0.12 14.33
O3P 5GP H . -11.85 -0.37 14.89
O5' 5GP H . -12.51 -0.19 12.59
C5' 5GP H . -13.56 -0.71 11.84
C4' 5GP H . -13.09 -0.75 10.41
O4' 5GP H . -13.51 -2.05 9.98
C3' 5GP H . -13.78 0.32 9.57
O3' 5GP H . -12.90 1.40 9.30
C2' 5GP H . -14.18 -0.44 8.32
O2' 5GP H . -13.10 -0.44 7.36
C1' 5GP H . -14.40 -1.87 8.85
N9 5GP H . -15.82 -2.05 9.27
C8 5GP H . -16.33 -2.11 10.52
N7 5GP H . -17.67 -2.33 10.47
C5 5GP H . -18.02 -2.46 9.18
C6 5GP H . -19.25 -2.68 8.42
O6 5GP H . -20.35 -2.79 9.01
N1 5GP H . -19.17 -2.71 7.05
C2 5GP H . -17.99 -2.56 6.40
N2 5GP H . -17.93 -2.62 5.04
N3 5GP H . -16.82 -2.33 7.04
C4 5GP H . -16.79 -2.26 8.40
P 5GP I . -18.28 -7.48 -1.27
O1P 5GP I . -18.23 -6.60 -2.53
O2P 5GP I . -17.29 -8.59 -1.57
O3P 5GP I . -19.63 -7.84 -0.63
O5' 5GP I . -17.61 -6.61 -0.09
C5' 5GP I . -16.30 -6.14 -0.40
C4' 5GP I . -15.62 -5.77 0.90
O4' 5GP I . -16.45 -4.94 1.71
C3' 5GP I . -15.37 -7.04 1.73
O3' 5GP I . -14.31 -7.77 1.23
C2' 5GP I . -15.07 -6.38 3.04
O2' 5GP I . -13.73 -5.86 3.11
C1' 5GP I . -16.03 -5.21 3.05
N9 5GP I . -17.18 -5.56 3.88
C8 5GP I . -18.38 -5.88 3.40
N7 5GP I . -19.19 -6.11 4.43
C5 5GP I . -18.52 -5.93 5.59
C6 5GP I . -18.77 -6.06 7.03
O6 5GP I . -19.89 -6.35 7.47
N1 5GP I . -17.77 -5.81 7.88
C2 5GP I . -16.53 -5.49 7.46
N2 5GP I . -15.57 -5.25 8.38
N3 5GP I . -16.22 -5.37 6.15
C4 5GP I . -17.17 -5.57 5.20
P 5GP J . -18.20 7.61 -7.65
O1P 5GP J . -16.72 7.51 -7.14
O2P 5GP J . -18.84 6.24 -7.85
O3P 5GP J . -18.37 8.52 -8.84
O5' 5GP J . -18.98 8.22 -6.48
C5' 5GP J . -18.34 9.24 -5.70
C4' 5GP J . -19.26 10.44 -5.69
O4' 5GP J . -20.59 10.01 -5.42
C3' 5GP J . -18.91 11.50 -4.65
O3' 5GP J . -19.16 12.80 -5.20
C2' 5GP J . -19.82 11.20 -3.49
O2' 5GP J . -20.29 12.38 -2.83
C1' 5GP J . -20.93 10.30 -4.08
N9 5GP J . -20.99 8.97 -3.44
C8 5GP J . -20.79 7.73 -3.99
N7 5GP J . -20.98 6.73 -3.06
C5 5GP J . -21.30 7.38 -1.94
C6 5GP J . -21.69 6.92 -0.66
O6 5GP J . -21.65 5.66 -0.50
N1 5GP J . -22.04 7.88 0.20
C2 5GP J . -22.00 9.21 -0.09
N2 5GP J . -22.32 10.13 0.86
N3 5GP J . -21.68 9.72 -1.31
C4 5GP J . -21.33 8.84 -2.19
P 5GP K . 3.18 8.22 -19.07
O1P 5GP K . 4.04 9.35 -18.65
O2P 5GP K . 2.53 7.35 -17.98
O3P 5GP K . 2.09 8.60 -20.13
O5' 5GP K . 4.19 7.28 -19.90
C5' 5GP K . 3.98 5.92 -20.19
C4' 5GP K . 3.90 5.73 -21.68
O4' 5GP K . 5.11 6.22 -22.19
C3' 5GP K . 3.84 4.26 -22.03
O3' 5GP K . 3.10 3.96 -23.26
C2' 5GP K . 5.33 3.88 -22.19
O2' 5GP K . 5.54 3.01 -23.29
C1' 5GP K . 6.07 5.17 -22.37
N9 5GP K . 7.12 5.38 -21.32
C8 5GP K . 7.20 6.38 -20.37
N7 5GP K . 8.31 6.35 -19.62
C5 5GP K . 8.93 5.25 -20.12
C6 5GP K . 10.15 4.62 -19.76
O6 5GP K . 10.78 5.18 -18.80
N1 5GP K . 10.51 3.53 -20.48
C2 5GP K . 9.75 3.01 -21.53
N2 5GP K . 10.14 1.87 -22.24
N3 5GP K . 8.54 3.57 -21.88
C4 5GP K . 8.18 4.67 -21.22
#